data_8J92
#
_entry.id   8J92
#
_cell.length_a   1.00
_cell.length_b   1.00
_cell.length_c   1.00
_cell.angle_alpha   90.00
_cell.angle_beta   90.00
_cell.angle_gamma   90.00
#
_symmetry.space_group_name_H-M   'P 1'
#
loop_
_entity.id
_entity.type
_entity.pdbx_description
1 polymer 'Histone H3.1'
2 polymer 'Histone H4'
3 polymer HTA6
4 polymer HTB9
5 polymer 'DNA (169-MER)'
6 polymer 'DNA (169-MER)'
#
loop_
_entity_poly.entity_id
_entity_poly.type
_entity_poly.pdbx_seq_one_letter_code
_entity_poly.pdbx_strand_id
1 'polypeptide(L)'
;GSHMARTKQTARKSTGGKAPRKQLATKAARKSAPATGGVKKPHRFRPGTVALREIRKYQKSTELLIRKLPFQRLVREIAQ
DFKTDLRFQSSAVAALQEAAEAYLVGLFEDTNLCAIHAKRVTIMPKDIQLARRIRGERA
;
A,E
2 'polypeptide(L)'
;GSHMSGRGKGGKGLGKGGAKRHRKVLRDNIQGITKPAIRRLARRGGVKRISGLIYEETRGVLKIFLENVIRDAVTYTEHA
RRKTVTAMDVVYALKRQGRTLYGFGG
;
B,F
3 'polypeptide(L)'
;GSHMESTGKVKKAFGGRKPPGAPKTKSVSKSMKAGLQFPVGRITRFLKKGRYAQRLGGGAPVYMAAVLEYLAAEVLELAG
NAARDNKKSRIIPRHLLLAIRNDEELGKLLSGVTIAHGGVLPNINSVLLPKKSATKPAEEKATKSPVKSPKKA
;
C,G
4 'polypeptide(L)'
;GSHMAPRAEKKPAEKKPAAEKPVEEKSKAEKAPAEKKPKAGKKLPKEAGAGGDKKKKMKKKSVETYKIYIFKVLKQVHPD
IGISSKAMGIMNSFINDIFEKLASESSKLARYNKKPTITSREIQTAVRLVLPGELAKHAVSEGTKAVTKFTSS
;
D,H
5 'polydeoxyribonucleotide'
;(DA)(DT)(DC)(DG)(DG)(DA)(DC)(DC)(DC)(DT)(DA)(DT)(DC)(DG)(DC)(DG)(DA)(DG)(DC)(DC)
(DA)(DG)(DG)(DC)(DC)(DT)(DG)(DA)(DG)(DA)(DA)(DT)(DC)(DC)(DG)(DG)(DT)(DG)(DC)(DC)
(DG)(DA)(DG)(DG)(DC)(DC)(DG)(DC)(DT)(DC)(DA)(DA)(DT)(DT)(DG)(DG)(DT)(DC)(DG)(DT)
(DA)(DG)(DA)(DC)(DA)(DG)(DC)(DT)(DC)(DT)(DA)(DG)(DC)(DA)(DC)(DC)(DG)(DC)(DT)(DT)
(DA)(DA)(DA)(DC)(DG)(DC)(DA)(DC)(DG)(DT)(DA)(DC)(DG)(DC)(DG)(DC)(DT)(DG)(DT)(DC)
(DC)(DC)(DC)(DC)(DG)(DC)(DG)(DT)(DT)(DT)(DT)(DA)(DA)(DC)(DC)(DG)(DC)(DC)(DA)(DA)
(DG)(DG)(DG)(DG)(DA)(DT)(DT)(DA)(DC)(DT)(DC)(DC)(DC)(DT)(DA)(DG)(DT)(DC)(DT)(DC)
(DC)(DA)(DG)(DG)(DC)(DA)(DC)(DG)(DT)(DG)(DT)(DC)(DA)(DG)(DA)(DT)(DA)(DT)(DA)(DT)
(DA)(DC)(DA)(DT)(DC)(DC)(DG)(DA)(DT)
;
I
6 'polydeoxyribonucleotide'
;(DA)(DT)(DC)(DG)(DG)(DA)(DT)(DG)(DT)(DA)(DT)(DA)(DT)(DA)(DT)(DC)(DT)(DG)(DA)(DC)
(DA)(DC)(DG)(DT)(DG)(DC)(DC)(DT)(DG)(DG)(DA)(DG)(DA)(DC)(DT)(DA)(DG)(DG)(DG)(DA)
(DG)(DT)(DA)(DA)(DT)(DC)(DC)(DC)(DC)(DT)(DT)(DG)(DG)(DC)(DG)(DG)(DT)(DT)(DA)(DA)
(DA)(DA)(DC)(DG)(DC)(DG)(DG)(DG)(DG)(DG)(DA)(DC)(DA)(DG)(DC)(DG)(DC)(DG)(DT)(DA)
(DC)(DG)(DT)(DG)(DC)(DG)(DT)(DT)(DT)(DA)(DA)(DG)(DC)(DG)(DG)(DT)(DG)(DC)(DT)(DA)
(DG)(DA)(DG)(DC)(DT)(DG)(DT)(DC)(DT)(DA)(DC)(DG)(DA)(DC)(DC)(DA)(DA)(DT)(DT)(DG)
(DA)(DG)(DC)(DG)(DG)(DC)(DC)(DT)(DC)(DG)(DG)(DC)(DA)(DC)(DC)(DG)(DG)(DA)(DT)(DT)
(DC)(DT)(DC)(DA)(DG)(DG)(DC)(DC)(DT)(DG)(DG)(DC)(DT)(DC)(DG)(DC)(DG)(DA)(DT)(DA)
(DG)(DG)(DG)(DT)(DC)(DC)(DG)(DA)(DT)
;
J
#
# COMPACT_ATOMS: atom_id res chain seq x y z
N PRO A 42 41.13 31.61 -18.82
CA PRO A 42 41.52 30.23 -18.53
C PRO A 42 40.49 29.21 -18.97
N HIS A 43 40.71 27.96 -18.59
CA HIS A 43 39.81 26.89 -18.99
C HIS A 43 38.47 27.02 -18.29
N ARG A 44 37.41 26.63 -18.99
CA ARG A 44 36.05 26.91 -18.53
C ARG A 44 35.10 25.92 -19.19
N PHE A 45 34.51 25.04 -18.38
CA PHE A 45 33.43 24.18 -18.86
C PHE A 45 32.15 24.98 -19.08
N ARG A 46 31.56 24.79 -20.25
CA ARG A 46 30.26 25.39 -20.53
C ARG A 46 29.21 24.76 -19.61
N PRO A 47 28.27 25.56 -19.09
CA PRO A 47 27.32 25.01 -18.11
C PRO A 47 26.54 23.83 -18.64
N GLY A 48 26.33 22.85 -17.77
CA GLY A 48 25.64 21.63 -18.14
C GLY A 48 26.54 20.41 -18.18
N THR A 49 27.78 20.60 -18.64
CA THR A 49 28.71 19.48 -18.76
C THR A 49 29.04 18.90 -17.39
N VAL A 50 29.37 19.77 -16.43
CA VAL A 50 29.70 19.29 -15.09
C VAL A 50 28.46 18.70 -14.42
N ALA A 51 27.27 19.25 -14.71
CA ALA A 51 26.05 18.67 -14.15
C ALA A 51 25.82 17.26 -14.67
N LEU A 52 26.01 17.03 -15.97
CA LEU A 52 25.86 15.70 -16.53
C LEU A 52 26.90 14.74 -15.96
N ARG A 53 28.14 15.20 -15.83
CA ARG A 53 29.18 14.35 -15.25
C ARG A 53 28.85 13.98 -13.81
N GLU A 54 28.34 14.94 -13.04
CA GLU A 54 27.94 14.65 -11.66
C GLU A 54 26.79 13.66 -11.62
N ILE A 55 25.83 13.80 -12.54
CA ILE A 55 24.74 12.82 -12.63
C ILE A 55 25.31 11.43 -12.84
N ARG A 56 26.22 11.29 -13.80
CA ARG A 56 26.80 9.98 -14.09
C ARG A 56 27.57 9.44 -12.89
N LYS A 57 28.38 10.28 -12.25
CA LYS A 57 29.19 9.83 -11.12
C LYS A 57 28.31 9.36 -9.97
N TYR A 58 27.29 10.15 -9.62
CA TYR A 58 26.45 9.84 -8.48
C TYR A 58 25.41 8.77 -8.77
N GLN A 59 25.15 8.47 -10.04
CA GLN A 59 24.35 7.30 -10.37
C GLN A 59 25.19 6.04 -10.42
N LYS A 60 26.49 6.16 -10.73
CA LYS A 60 27.38 5.02 -10.68
C LYS A 60 27.75 4.65 -9.25
N SER A 61 27.90 5.64 -8.38
CA SER A 61 28.32 5.38 -7.01
C SER A 61 27.16 4.80 -6.20
N THR A 62 27.50 4.26 -5.02
CA THR A 62 26.53 3.64 -4.13
C THR A 62 26.76 4.07 -2.69
N GLU A 63 27.28 5.29 -2.49
CA GLU A 63 27.64 5.77 -1.17
C GLU A 63 26.67 6.86 -0.71
N LEU A 64 26.48 6.95 0.60
CA LEU A 64 25.51 7.88 1.17
C LEU A 64 25.96 9.32 0.96
N LEU A 65 25.03 10.15 0.46
CA LEU A 65 25.34 11.53 0.09
C LEU A 65 25.08 12.53 1.21
N ILE A 66 24.59 12.10 2.36
CA ILE A 66 24.27 12.98 3.48
C ILE A 66 25.28 12.73 4.60
N ARG A 67 25.77 13.81 5.21
CA ARG A 67 26.72 13.70 6.30
C ARG A 67 26.09 13.04 7.52
N LYS A 68 26.79 12.02 8.04
CA LYS A 68 26.22 11.13 9.05
C LYS A 68 25.93 11.87 10.35
N LEU A 69 26.87 12.69 10.82
CA LEU A 69 26.67 13.40 12.08
C LEU A 69 25.51 14.39 12.02
N PRO A 70 25.41 15.27 11.01
CA PRO A 70 24.21 16.12 10.92
C PRO A 70 22.92 15.32 10.81
N PHE A 71 22.91 14.22 10.05
CA PHE A 71 21.68 13.44 9.97
C PHE A 71 21.31 12.86 11.33
N GLN A 72 22.29 12.37 12.07
CA GLN A 72 22.03 11.83 13.39
C GLN A 72 21.47 12.88 14.32
N ARG A 73 22.04 14.09 14.29
CA ARG A 73 21.55 15.16 15.13
C ARG A 73 20.10 15.51 14.79
N LEU A 74 19.77 15.58 13.50
CA LEU A 74 18.40 15.87 13.10
C LEU A 74 17.44 14.78 13.59
N VAL A 75 17.85 13.52 13.45
CA VAL A 75 16.99 12.41 13.87
C VAL A 75 16.74 12.48 15.37
N ARG A 76 17.78 12.79 16.15
CA ARG A 76 17.60 12.85 17.60
C ARG A 76 16.74 14.04 18.01
N GLU A 77 16.83 15.17 17.28
CA GLU A 77 15.92 16.29 17.54
C GLU A 77 14.48 15.88 17.30
N ILE A 78 14.21 15.26 16.14
CA ILE A 78 12.84 14.85 15.84
C ILE A 78 12.35 13.84 16.86
N ALA A 79 13.25 12.96 17.33
CA ALA A 79 12.86 11.95 18.31
C ALA A 79 12.50 12.59 19.65
N GLN A 80 13.33 13.53 20.12
CA GLN A 80 13.02 14.17 21.40
C GLN A 80 11.79 15.04 21.29
N ASP A 81 11.37 15.40 20.07
CA ASP A 81 10.06 16.04 19.93
C ASP A 81 8.90 15.11 20.30
N PHE A 82 9.14 13.81 20.44
CA PHE A 82 8.10 12.85 20.78
C PHE A 82 8.30 12.24 22.16
N LYS A 83 9.45 11.62 22.41
CA LYS A 83 9.76 11.03 23.70
C LYS A 83 11.12 11.51 24.17
N THR A 84 11.21 11.99 25.40
CA THR A 84 12.46 12.49 25.94
C THR A 84 13.36 11.33 26.35
N ASP A 85 14.67 11.58 26.28
CA ASP A 85 15.69 10.62 26.68
C ASP A 85 15.57 9.32 25.88
N LEU A 86 15.74 9.44 24.57
CA LEU A 86 15.73 8.31 23.66
C LEU A 86 17.14 8.01 23.17
N ARG A 87 17.58 6.78 23.37
CA ARG A 87 18.82 6.30 22.79
C ARG A 87 18.55 5.74 21.40
N PHE A 88 19.61 5.62 20.62
CA PHE A 88 19.51 5.13 19.25
C PHE A 88 20.60 4.10 19.00
N GLN A 89 20.39 3.28 17.99
CA GLN A 89 21.40 2.35 17.51
C GLN A 89 22.01 2.88 16.21
N SER A 90 23.29 2.56 16.02
CA SER A 90 23.97 2.96 14.79
C SER A 90 23.29 2.34 13.57
N SER A 91 22.86 1.08 13.70
CA SER A 91 22.12 0.44 12.62
C SER A 91 20.80 1.15 12.36
N ALA A 92 20.13 1.61 13.42
CA ALA A 92 18.88 2.34 13.25
C ALA A 92 19.10 3.65 12.50
N VAL A 93 20.14 4.39 12.87
CA VAL A 93 20.42 5.65 12.19
C VAL A 93 20.81 5.41 10.74
N ALA A 94 21.58 4.35 10.48
CA ALA A 94 21.93 4.00 9.11
C ALA A 94 20.70 3.64 8.29
N ALA A 95 19.77 2.89 8.89
CA ALA A 95 18.53 2.55 8.21
C ALA A 95 17.74 3.79 7.87
N LEU A 96 17.62 4.72 8.82
CA LEU A 96 16.89 5.96 8.57
C LEU A 96 17.55 6.76 7.45
N GLN A 97 18.88 6.83 7.44
CA GLN A 97 19.57 7.57 6.40
C GLN A 97 19.36 6.94 5.03
N GLU A 98 19.43 5.62 4.94
CA GLU A 98 19.20 4.94 3.67
C GLU A 98 17.78 5.21 3.17
N ALA A 99 16.79 5.11 4.06
CA ALA A 99 15.42 5.34 3.66
C ALA A 99 15.22 6.78 3.20
N ALA A 100 15.79 7.75 3.92
CA ALA A 100 15.64 9.14 3.54
C ALA A 100 16.29 9.44 2.19
N GLU A 101 17.49 8.90 1.96
CA GLU A 101 18.15 9.14 0.67
C GLU A 101 17.36 8.51 -0.47
N ALA A 102 16.86 7.28 -0.28
CA ALA A 102 16.06 6.65 -1.33
C ALA A 102 14.79 7.43 -1.61
N TYR A 103 14.11 7.88 -0.56
CA TYR A 103 12.89 8.67 -0.73
C TYR A 103 13.17 9.96 -1.50
N LEU A 104 14.25 10.65 -1.13
CA LEU A 104 14.57 11.90 -1.80
C LEU A 104 14.94 11.68 -3.26
N VAL A 105 15.67 10.61 -3.56
CA VAL A 105 16.04 10.34 -4.95
C VAL A 105 14.81 10.01 -5.79
N GLY A 106 13.89 9.20 -5.25
CA GLY A 106 12.66 8.94 -5.97
C GLY A 106 11.83 10.19 -6.19
N LEU A 107 11.72 11.02 -5.15
CA LEU A 107 11.00 12.28 -5.29
C LEU A 107 11.65 13.18 -6.34
N PHE A 108 12.97 13.16 -6.43
CA PHE A 108 13.64 14.00 -7.42
C PHE A 108 13.46 13.46 -8.82
N GLU A 109 13.38 12.14 -8.98
CA GLU A 109 13.03 11.57 -10.28
C GLU A 109 11.64 12.05 -10.72
N ASP A 110 10.67 11.98 -9.80
CA ASP A 110 9.32 12.45 -10.13
C ASP A 110 9.32 13.95 -10.44
N THR A 111 10.08 14.73 -9.67
CA THR A 111 10.17 16.17 -9.91
C THR A 111 10.77 16.46 -11.28
N ASN A 112 11.79 15.69 -11.67
CA ASN A 112 12.37 15.86 -13.00
C ASN A 112 11.36 15.55 -14.08
N LEU A 113 10.56 14.49 -13.89
CA LEU A 113 9.52 14.19 -14.87
C LEU A 113 8.53 15.34 -15.00
N CYS A 114 8.10 15.90 -13.87
CA CYS A 114 7.17 17.03 -13.92
C CYS A 114 7.79 18.24 -14.61
N ALA A 115 9.07 18.53 -14.32
CA ALA A 115 9.73 19.68 -14.93
C ALA A 115 9.87 19.52 -16.43
N ILE A 116 10.21 18.31 -16.89
CA ILE A 116 10.26 18.06 -18.33
C ILE A 116 8.87 18.19 -18.94
N HIS A 117 7.83 17.77 -18.21
CA HIS A 117 6.47 17.94 -18.70
C HIS A 117 6.14 19.42 -18.88
N ALA A 118 6.60 20.26 -17.95
CA ALA A 118 6.37 21.70 -18.05
C ALA A 118 7.32 22.38 -19.04
N LYS A 119 7.98 21.61 -19.91
CA LYS A 119 8.93 22.15 -20.88
C LYS A 119 10.04 22.94 -20.19
N ARG A 120 10.56 22.38 -19.10
CA ARG A 120 11.61 23.02 -18.31
C ARG A 120 12.72 22.03 -18.05
N VAL A 121 13.94 22.56 -17.92
CA VAL A 121 15.10 21.76 -17.53
C VAL A 121 15.27 21.90 -16.02
N THR A 122 14.95 23.08 -15.50
CA THR A 122 15.15 23.40 -14.10
C THR A 122 13.97 22.91 -13.27
N ILE A 123 14.26 22.28 -12.14
CA ILE A 123 13.22 21.84 -11.21
C ILE A 123 12.89 22.97 -10.25
N MET A 124 11.61 23.11 -9.95
CA MET A 124 11.08 24.19 -9.12
C MET A 124 10.17 23.59 -8.06
N PRO A 125 9.93 24.32 -6.96
CA PRO A 125 9.14 23.74 -5.86
C PRO A 125 7.73 23.32 -6.26
N LYS A 126 7.14 23.98 -7.26
CA LYS A 126 5.82 23.57 -7.73
C LYS A 126 5.86 22.15 -8.31
N ASP A 127 6.98 21.76 -8.91
CA ASP A 127 7.12 20.39 -9.40
C ASP A 127 7.06 19.39 -8.26
N ILE A 128 7.77 19.68 -7.16
CA ILE A 128 7.75 18.80 -6.00
C ILE A 128 6.34 18.73 -5.43
N GLN A 129 5.67 19.88 -5.33
CA GLN A 129 4.30 19.89 -4.79
C GLN A 129 3.36 19.05 -5.64
N LEU A 130 3.46 19.17 -6.97
CA LEU A 130 2.61 18.38 -7.85
C LEU A 130 2.92 16.89 -7.72
N ALA A 131 4.20 16.54 -7.65
CA ALA A 131 4.57 15.13 -7.53
C ALA A 131 4.02 14.53 -6.25
N ARG A 132 4.18 15.24 -5.13
CA ARG A 132 3.66 14.75 -3.86
C ARG A 132 2.14 14.65 -3.88
N ARG A 133 1.47 15.62 -4.52
CA ARG A 133 0.02 15.58 -4.60
C ARG A 133 -0.46 14.38 -5.41
N ILE A 134 0.20 14.08 -6.53
CA ILE A 134 -0.21 12.93 -7.33
C ILE A 134 0.08 11.62 -6.61
N ARG A 135 1.24 11.54 -5.93
CA ARG A 135 1.54 10.33 -5.17
C ARG A 135 0.55 10.11 -4.05
N GLY A 136 0.15 11.18 -3.36
CA GLY A 136 -0.82 11.05 -2.29
C GLY A 136 -0.24 11.36 -0.93
N GLU A 137 0.75 12.25 -0.89
CA GLU A 137 1.41 12.64 0.35
C GLU A 137 0.90 14.01 0.78
N ARG A 138 0.78 14.20 2.09
CA ARG A 138 0.30 15.46 2.64
C ARG A 138 1.36 16.11 3.52
N LYS B 24 21.42 17.54 26.32
CA LYS B 24 21.50 18.84 25.66
C LYS B 24 20.40 18.96 24.61
N VAL B 25 19.60 20.04 24.71
CA VAL B 25 18.53 20.27 23.77
C VAL B 25 19.10 20.59 22.39
N LEU B 26 18.51 20.00 21.36
CA LEU B 26 18.96 20.17 19.98
C LEU B 26 18.00 21.11 19.26
N ARG B 27 18.57 22.10 18.57
CA ARG B 27 17.77 23.11 17.90
C ARG B 27 18.39 23.46 16.55
N ASP B 28 17.53 23.61 15.53
CA ASP B 28 17.93 24.05 14.20
C ASP B 28 18.99 23.13 13.59
N ASN B 29 18.72 21.83 13.65
CA ASN B 29 19.59 20.84 13.03
C ASN B 29 19.21 20.51 11.60
N ILE B 30 18.12 21.09 11.09
CA ILE B 30 17.72 20.83 9.72
C ILE B 30 18.68 21.46 8.73
N GLN B 31 19.49 22.42 9.17
CA GLN B 31 20.49 23.02 8.30
C GLN B 31 21.71 22.12 8.11
N GLY B 32 21.79 21.02 8.84
CA GLY B 32 22.84 20.04 8.60
C GLY B 32 22.71 19.33 7.27
N ILE B 33 21.51 19.29 6.71
CA ILE B 33 21.31 18.82 5.34
C ILE B 33 21.61 20.01 4.43
N THR B 34 22.87 20.14 4.05
CA THR B 34 23.36 21.33 3.39
C THR B 34 22.89 21.38 1.94
N LYS B 35 23.17 22.50 1.30
CA LYS B 35 22.87 22.66 -0.12
C LYS B 35 23.59 21.61 -0.99
N PRO B 36 24.89 21.36 -0.81
CA PRO B 36 25.53 20.31 -1.63
C PRO B 36 24.92 18.93 -1.45
N ALA B 37 24.44 18.58 -0.26
CA ALA B 37 23.82 17.27 -0.07
C ALA B 37 22.53 17.13 -0.90
N ILE B 38 21.68 18.15 -0.85
CA ILE B 38 20.46 18.14 -1.65
C ILE B 38 20.80 18.11 -3.13
N ARG B 39 21.81 18.87 -3.53
CA ARG B 39 22.24 18.88 -4.93
C ARG B 39 22.72 17.50 -5.36
N ARG B 40 23.47 16.81 -4.50
CA ARG B 40 23.96 15.47 -4.84
C ARG B 40 22.82 14.47 -4.94
N LEU B 41 21.84 14.55 -4.04
CA LEU B 41 20.68 13.67 -4.15
C LEU B 41 19.93 13.92 -5.45
N ALA B 42 19.78 15.19 -5.83
CA ALA B 42 19.14 15.50 -7.10
C ALA B 42 19.94 14.96 -8.28
N ARG B 43 21.27 15.08 -8.23
CA ARG B 43 22.11 14.56 -9.30
C ARG B 43 21.96 13.05 -9.43
N ARG B 44 21.91 12.34 -8.30
CA ARG B 44 21.63 10.91 -8.35
C ARG B 44 20.25 10.65 -8.93
N GLY B 45 19.29 11.53 -8.69
CA GLY B 45 17.98 11.38 -9.28
C GLY B 45 17.85 11.79 -10.72
N GLY B 46 18.91 12.31 -11.32
CA GLY B 46 18.89 12.71 -12.72
C GLY B 46 18.58 14.16 -12.97
N VAL B 47 18.76 15.04 -12.00
CA VAL B 47 18.40 16.44 -12.13
C VAL B 47 19.60 17.22 -12.64
N LYS B 48 19.39 18.01 -13.70
CA LYS B 48 20.45 18.77 -14.34
C LYS B 48 20.56 20.19 -13.83
N ARG B 49 19.43 20.84 -13.55
CA ARG B 49 19.41 22.22 -13.06
C ARG B 49 18.46 22.30 -11.86
N ILE B 50 18.89 22.98 -10.81
CA ILE B 50 18.15 23.08 -9.56
C ILE B 50 17.93 24.55 -9.24
N SER B 51 16.68 24.91 -8.95
CA SER B 51 16.36 26.27 -8.56
C SER B 51 16.79 26.52 -7.11
N GLY B 52 16.91 27.80 -6.76
CA GLY B 52 17.42 28.18 -5.46
C GLY B 52 16.45 27.98 -4.31
N LEU B 53 15.17 27.82 -4.60
CA LEU B 53 14.16 27.62 -3.57
C LEU B 53 13.88 26.15 -3.29
N ILE B 54 14.55 25.24 -4.01
CA ILE B 54 14.29 23.81 -3.85
C ILE B 54 14.71 23.33 -2.48
N TYR B 55 15.74 23.95 -1.90
CA TYR B 55 16.35 23.41 -0.68
C TYR B 55 15.42 23.50 0.52
N GLU B 56 14.70 24.61 0.67
CA GLU B 56 13.78 24.73 1.79
C GLU B 56 12.63 23.73 1.68
N GLU B 57 12.09 23.57 0.47
CA GLU B 57 11.02 22.59 0.26
C GLU B 57 11.52 21.18 0.53
N THR B 58 12.75 20.86 0.09
CA THR B 58 13.31 19.54 0.32
C THR B 58 13.53 19.29 1.81
N ARG B 59 14.00 20.31 2.54
CA ARG B 59 14.16 20.17 3.98
C ARG B 59 12.82 19.91 4.66
N GLY B 60 11.78 20.63 4.25
CA GLY B 60 10.46 20.39 4.82
C GLY B 60 9.94 18.99 4.53
N VAL B 61 10.10 18.54 3.28
CA VAL B 61 9.63 17.21 2.90
C VAL B 61 10.38 16.14 3.68
N LEU B 62 11.70 16.28 3.79
CA LEU B 62 12.48 15.32 4.56
C LEU B 62 12.07 15.33 6.03
N LYS B 63 11.79 16.50 6.57
CA LYS B 63 11.33 16.58 7.95
C LYS B 63 10.01 15.84 8.14
N ILE B 64 9.07 16.02 7.21
CA ILE B 64 7.78 15.34 7.34
C ILE B 64 7.96 13.82 7.29
N PHE B 65 8.75 13.35 6.32
CA PHE B 65 8.98 11.92 6.18
C PHE B 65 9.64 11.34 7.42
N LEU B 66 10.64 12.04 7.94
CA LEU B 66 11.33 11.57 9.14
C LEU B 66 10.40 11.59 10.35
N GLU B 67 9.54 12.60 10.48
CA GLU B 67 8.60 12.61 11.59
C GLU B 67 7.67 11.41 11.54
N ASN B 68 7.16 11.08 10.35
CA ASN B 68 6.28 9.91 10.25
C ASN B 68 7.01 8.63 10.66
N VAL B 69 8.18 8.39 10.06
CA VAL B 69 8.89 7.14 10.31
C VAL B 69 9.32 7.05 11.78
N ILE B 70 9.83 8.16 12.34
CA ILE B 70 10.28 8.16 13.72
C ILE B 70 9.12 8.03 14.68
N ARG B 71 7.96 8.60 14.37
CA ARG B 71 6.78 8.40 15.22
C ARG B 71 6.43 6.93 15.31
N ASP B 72 6.38 6.24 14.16
CA ASP B 72 6.08 4.81 14.20
C ASP B 72 7.17 4.04 14.94
N ALA B 73 8.43 4.40 14.72
CA ALA B 73 9.53 3.70 15.38
C ALA B 73 9.46 3.86 16.89
N VAL B 74 9.17 5.07 17.37
CA VAL B 74 9.06 5.31 18.81
C VAL B 74 7.83 4.61 19.37
N THR B 75 6.76 4.50 18.60
CA THR B 75 5.61 3.72 19.06
C THR B 75 6.00 2.27 19.30
N TYR B 76 6.71 1.68 18.34
CA TYR B 76 7.18 0.30 18.52
C TYR B 76 8.12 0.18 19.72
N THR B 77 9.04 1.13 19.86
CA THR B 77 10.01 1.09 20.96
C THR B 77 9.32 1.21 22.31
N GLU B 78 8.34 2.11 22.42
CA GLU B 78 7.64 2.30 23.67
C GLU B 78 6.76 1.10 23.99
N HIS B 79 6.18 0.45 22.98
CA HIS B 79 5.48 -0.80 23.25
C HIS B 79 6.42 -1.87 23.76
N ALA B 80 7.63 -1.93 23.20
CA ALA B 80 8.61 -2.92 23.62
C ALA B 80 9.19 -2.63 25.00
N ARG B 81 8.73 -1.59 25.69
CA ARG B 81 9.25 -1.19 26.99
C ARG B 81 10.76 -0.98 26.93
N ARG B 82 11.21 -0.29 25.89
CA ARG B 82 12.61 -0.04 25.64
C ARG B 82 12.84 1.47 25.57
N LYS B 83 14.07 1.87 25.87
CA LYS B 83 14.47 3.27 25.77
C LYS B 83 15.43 3.51 24.63
N THR B 84 15.63 2.53 23.75
CA THR B 84 16.49 2.68 22.59
C THR B 84 15.75 2.21 21.35
N VAL B 85 15.93 2.95 20.26
CA VAL B 85 15.32 2.63 18.98
C VAL B 85 16.21 1.65 18.23
N THR B 86 15.59 0.66 17.59
CA THR B 86 16.33 -0.39 16.91
C THR B 86 16.08 -0.36 15.41
N ALA B 87 17.04 -0.93 14.68
CA ALA B 87 16.90 -1.05 13.23
C ALA B 87 15.68 -1.88 12.87
N MET B 88 15.33 -2.85 13.71
CA MET B 88 14.11 -3.62 13.47
C MET B 88 12.89 -2.72 13.58
N ASP B 89 12.89 -1.80 14.55
CA ASP B 89 11.78 -0.86 14.69
C ASP B 89 11.67 0.04 13.47
N VAL B 90 12.81 0.53 12.97
CA VAL B 90 12.78 1.40 11.79
C VAL B 90 12.27 0.62 10.58
N VAL B 91 12.68 -0.64 10.44
CA VAL B 91 12.23 -1.46 9.32
C VAL B 91 10.73 -1.70 9.38
N TYR B 92 10.21 -1.99 10.57
CA TYR B 92 8.77 -2.16 10.73
C TYR B 92 8.02 -0.88 10.40
N ALA B 93 8.56 0.28 10.82
CA ALA B 93 7.93 1.55 10.47
C ALA B 93 7.90 1.75 8.96
N LEU B 94 8.98 1.40 8.28
CA LEU B 94 9.04 1.59 6.84
C LEU B 94 8.12 0.63 6.10
N LYS B 95 7.90 -0.58 6.63
CA LYS B 95 6.82 -1.39 6.09
C LYS B 95 5.46 -0.77 6.35
N ARG B 96 5.30 -0.10 7.49
CA ARG B 96 4.04 0.58 7.75
C ARG B 96 3.77 1.64 6.69
N GLN B 97 4.79 2.42 6.33
CA GLN B 97 4.66 3.35 5.22
C GLN B 97 4.75 2.67 3.86
N GLY B 98 4.93 1.36 3.81
CA GLY B 98 5.10 0.68 2.53
C GLY B 98 6.38 1.05 1.82
N ARG B 99 7.49 1.09 2.55
CA ARG B 99 8.81 1.46 2.06
C ARG B 99 9.85 0.43 2.49
N THR B 100 9.55 -0.84 2.22
CA THR B 100 10.37 -1.95 2.69
C THR B 100 11.84 -1.76 2.37
N LEU B 101 12.68 -1.98 3.36
CA LEU B 101 14.12 -1.81 3.26
C LEU B 101 14.80 -3.15 3.49
N TYR B 102 15.67 -3.55 2.56
CA TYR B 102 16.42 -4.80 2.67
C TYR B 102 17.85 -4.51 3.09
N GLY B 103 18.38 -5.37 3.96
CA GLY B 103 19.76 -5.30 4.38
C GLY B 103 19.99 -4.99 5.84
N PHE B 104 18.94 -4.69 6.62
CA PHE B 104 19.10 -4.38 8.03
C PHE B 104 18.33 -5.33 8.93
N GLY B 105 17.86 -6.45 8.40
CA GLY B 105 17.14 -7.44 9.16
C GLY B 105 15.68 -7.54 8.73
N GLY B 106 15.05 -8.63 9.17
CA GLY B 106 13.66 -8.88 8.84
C GLY B 106 13.46 -9.99 7.84
N LYS C 26 -29.40 -10.86 36.94
CA LYS C 26 -28.05 -11.14 37.40
C LYS C 26 -27.08 -11.21 36.23
N SER C 27 -27.62 -11.21 35.01
CA SER C 27 -26.82 -11.33 33.80
C SER C 27 -26.58 -9.94 33.23
N VAL C 28 -25.62 -9.23 33.83
CA VAL C 28 -25.25 -7.90 33.37
C VAL C 28 -24.33 -8.04 32.17
N SER C 29 -24.71 -7.42 31.05
CA SER C 29 -23.93 -7.51 29.83
C SER C 29 -22.60 -6.81 29.99
N LYS C 30 -21.60 -7.29 29.25
CA LYS C 30 -20.29 -6.64 29.26
C LYS C 30 -20.38 -5.21 28.75
N SER C 31 -21.24 -4.98 27.75
CA SER C 31 -21.40 -3.63 27.21
C SER C 31 -21.94 -2.68 28.27
N MET C 32 -22.90 -3.13 29.08
CA MET C 32 -23.41 -2.30 30.17
C MET C 32 -22.33 -2.07 31.21
N LYS C 33 -21.53 -3.08 31.51
CA LYS C 33 -20.45 -2.93 32.48
C LYS C 33 -19.42 -1.90 32.06
N ALA C 34 -19.30 -1.63 30.76
CA ALA C 34 -18.34 -0.67 30.25
C ALA C 34 -18.98 0.61 29.75
N GLY C 35 -20.30 0.71 29.79
CA GLY C 35 -20.97 1.89 29.27
C GLY C 35 -20.82 2.06 27.77
N LEU C 36 -21.00 0.98 27.02
CA LEU C 36 -20.81 1.00 25.57
C LEU C 36 -22.07 0.48 24.89
N GLN C 37 -22.13 0.72 23.58
CA GLN C 37 -23.21 0.21 22.75
C GLN C 37 -22.80 -0.95 21.88
N PHE C 38 -21.56 -0.98 21.40
CA PHE C 38 -21.10 -2.04 20.53
C PHE C 38 -20.95 -3.35 21.31
N PRO C 39 -21.07 -4.50 20.63
CA PRO C 39 -21.14 -5.78 21.35
C PRO C 39 -19.76 -6.27 21.80
N VAL C 40 -19.50 -6.19 23.11
CA VAL C 40 -18.24 -6.66 23.64
C VAL C 40 -18.12 -8.17 23.47
N GLY C 41 -19.20 -8.91 23.72
CA GLY C 41 -19.15 -10.35 23.56
C GLY C 41 -18.93 -10.77 22.10
N ARG C 42 -19.60 -10.10 21.18
CA ARG C 42 -19.42 -10.41 19.77
C ARG C 42 -18.00 -10.08 19.31
N ILE C 43 -17.45 -8.97 19.77
CA ILE C 43 -16.08 -8.62 19.39
C ILE C 43 -15.09 -9.62 20.00
N THR C 44 -15.36 -10.10 21.22
CA THR C 44 -14.54 -11.14 21.80
C THR C 44 -14.57 -12.40 20.95
N ARG C 45 -15.77 -12.79 20.50
CA ARG C 45 -15.89 -13.99 19.66
C ARG C 45 -15.16 -13.80 18.33
N PHE C 46 -15.28 -12.62 17.73
CA PHE C 46 -14.59 -12.35 16.47
C PHE C 46 -13.08 -12.43 16.66
N LEU C 47 -12.57 -11.82 17.72
CA LEU C 47 -11.13 -11.84 17.97
C LEU C 47 -10.63 -13.25 18.23
N LYS C 48 -11.39 -14.05 18.98
CA LYS C 48 -10.96 -15.40 19.28
C LYS C 48 -11.11 -16.36 18.10
N LYS C 49 -12.04 -16.09 17.19
CA LYS C 49 -12.20 -16.94 16.01
C LYS C 49 -11.31 -16.50 14.85
N GLY C 50 -10.76 -15.30 14.89
CA GLY C 50 -9.75 -14.93 13.91
C GLY C 50 -8.36 -15.45 14.20
N ARG C 51 -8.15 -16.00 15.40
CA ARG C 51 -6.87 -16.54 15.82
C ARG C 51 -5.75 -15.52 15.66
N TYR C 52 -6.03 -14.29 16.11
CA TYR C 52 -5.01 -13.25 16.07
C TYR C 52 -3.91 -13.50 17.10
N ALA C 53 -4.23 -14.19 18.18
CA ALA C 53 -3.24 -14.56 19.18
C ALA C 53 -3.73 -15.80 19.90
N GLN C 54 -2.80 -16.49 20.56
CA GLN C 54 -3.17 -17.69 21.32
C GLN C 54 -4.13 -17.35 22.44
N ARG C 55 -3.89 -16.23 23.13
CA ARG C 55 -4.72 -15.80 24.24
C ARG C 55 -5.19 -14.38 24.03
N LEU C 56 -6.35 -14.06 24.58
CA LEU C 56 -6.95 -12.74 24.47
C LEU C 56 -7.15 -12.17 25.86
N GLY C 57 -6.62 -10.96 26.08
CA GLY C 57 -6.78 -10.30 27.35
C GLY C 57 -8.21 -9.86 27.59
N GLY C 58 -8.54 -9.67 28.87
CA GLY C 58 -9.89 -9.30 29.23
C GLY C 58 -10.29 -7.90 28.83
N GLY C 59 -9.32 -7.01 28.65
CA GLY C 59 -9.62 -5.63 28.33
C GLY C 59 -9.55 -5.34 26.84
N ALA C 60 -9.04 -6.28 26.06
CA ALA C 60 -8.93 -6.06 24.62
C ALA C 60 -10.28 -5.91 23.94
N PRO C 61 -11.28 -6.78 24.16
CA PRO C 61 -12.58 -6.54 23.54
C PRO C 61 -13.23 -5.23 23.95
N VAL C 62 -13.10 -4.85 25.22
CA VAL C 62 -13.68 -3.59 25.68
C VAL C 62 -13.01 -2.41 24.99
N TYR C 63 -11.68 -2.44 24.89
CA TYR C 63 -10.95 -1.38 24.22
C TYR C 63 -11.33 -1.30 22.75
N MET C 64 -11.43 -2.44 22.07
CA MET C 64 -11.80 -2.45 20.67
C MET C 64 -13.21 -1.90 20.46
N ALA C 65 -14.15 -2.30 21.33
CA ALA C 65 -15.51 -1.79 21.22
C ALA C 65 -15.56 -0.29 21.46
N ALA C 66 -14.79 0.20 22.43
CA ALA C 66 -14.76 1.64 22.70
C ALA C 66 -14.23 2.42 21.49
N VAL C 67 -13.14 1.94 20.90
CA VAL C 67 -12.56 2.64 19.75
C VAL C 67 -13.52 2.60 18.57
N LEU C 68 -14.12 1.43 18.31
CA LEU C 68 -15.05 1.31 17.19
C LEU C 68 -16.27 2.21 17.39
N GLU C 69 -16.82 2.24 18.60
CA GLU C 69 -17.98 3.08 18.88
C GLU C 69 -17.64 4.56 18.73
N TYR C 70 -16.45 4.96 19.19
CA TYR C 70 -16.05 6.36 19.02
C TYR C 70 -15.92 6.73 17.55
N LEU C 71 -15.30 5.86 16.75
CA LEU C 71 -15.15 6.15 15.33
C LEU C 71 -16.51 6.24 14.63
N ALA C 72 -17.41 5.30 14.96
CA ALA C 72 -18.74 5.33 14.37
C ALA C 72 -19.49 6.58 14.77
N ALA C 73 -19.37 6.99 16.04
CA ALA C 73 -20.04 8.21 16.49
C ALA C 73 -19.50 9.44 15.78
N GLU C 74 -18.19 9.53 15.59
CA GLU C 74 -17.61 10.67 14.88
C GLU C 74 -18.11 10.72 13.44
N VAL C 75 -18.05 9.59 12.73
CA VAL C 75 -18.49 9.56 11.34
C VAL C 75 -19.96 9.90 11.24
N LEU C 76 -20.79 9.35 12.14
CA LEU C 76 -22.22 9.60 12.08
C LEU C 76 -22.56 11.04 12.43
N GLU C 77 -21.82 11.65 13.36
CA GLU C 77 -22.04 13.06 13.69
C GLU C 77 -21.76 13.94 12.48
N LEU C 78 -20.62 13.70 11.80
CA LEU C 78 -20.30 14.49 10.63
C LEU C 78 -21.32 14.26 9.51
N ALA C 79 -21.76 13.01 9.33
CA ALA C 79 -22.74 12.69 8.30
C ALA C 79 -24.07 13.36 8.59
N GLY C 80 -24.50 13.36 9.86
CA GLY C 80 -25.73 14.04 10.21
C GLY C 80 -25.65 15.54 10.03
N ASN C 81 -24.49 16.12 10.31
CA ASN C 81 -24.30 17.54 10.04
C ASN C 81 -24.43 17.82 8.55
N ALA C 82 -23.84 16.97 7.71
CA ALA C 82 -23.99 17.15 6.27
C ALA C 82 -25.44 17.00 5.83
N ALA C 83 -26.15 16.02 6.40
CA ALA C 83 -27.56 15.83 6.07
C ALA C 83 -28.39 17.04 6.44
N ARG C 84 -28.14 17.63 7.61
CA ARG C 84 -28.84 18.84 8.00
C ARG C 84 -28.50 20.00 7.06
N ASP C 85 -27.23 20.09 6.66
CA ASP C 85 -26.84 21.14 5.72
C ASP C 85 -27.52 20.96 4.36
N ASN C 86 -27.87 19.72 4.00
CA ASN C 86 -28.61 19.45 2.78
C ASN C 86 -30.12 19.47 2.99
N LYS C 87 -30.57 19.84 4.18
CA LYS C 87 -32.00 19.95 4.50
C LYS C 87 -32.71 18.61 4.33
N LYS C 88 -32.10 17.55 4.87
CA LYS C 88 -32.68 16.23 4.85
C LYS C 88 -32.52 15.59 6.22
N SER C 89 -33.41 14.65 6.53
CA SER C 89 -33.45 13.99 7.83
C SER C 89 -33.13 12.51 7.73
N ARG C 90 -32.25 12.14 6.80
CA ARG C 90 -31.85 10.75 6.64
C ARG C 90 -30.50 10.72 5.94
N ILE C 91 -29.53 10.06 6.55
CA ILE C 91 -28.16 10.02 6.03
C ILE C 91 -28.10 9.09 4.83
N ILE C 92 -27.40 9.53 3.79
CA ILE C 92 -27.23 8.73 2.58
C ILE C 92 -25.73 8.59 2.30
N PRO C 93 -25.33 7.69 1.40
CA PRO C 93 -23.90 7.57 1.06
C PRO C 93 -23.27 8.87 0.61
N ARG C 94 -24.03 9.75 -0.05
CA ARG C 94 -23.48 11.04 -0.42
C ARG C 94 -23.09 11.84 0.82
N HIS C 95 -23.94 11.83 1.84
CA HIS C 95 -23.62 12.52 3.09
C HIS C 95 -22.41 11.90 3.76
N LEU C 96 -22.33 10.56 3.76
CA LEU C 96 -21.18 9.89 4.35
C LEU C 96 -19.88 10.30 3.63
N LEU C 97 -19.90 10.31 2.30
CA LEU C 97 -18.70 10.66 1.55
C LEU C 97 -18.34 12.13 1.73
N LEU C 98 -19.33 13.01 1.77
CA LEU C 98 -19.04 14.41 2.02
C LEU C 98 -18.37 14.60 3.38
N ALA C 99 -18.89 13.93 4.40
CA ALA C 99 -18.29 14.02 5.73
C ALA C 99 -16.85 13.50 5.73
N ILE C 100 -16.64 12.34 5.10
CA ILE C 100 -15.31 11.75 5.11
C ILE C 100 -14.31 12.62 4.37
N ARG C 101 -14.69 13.14 3.20
CA ARG C 101 -13.78 13.96 2.41
C ARG C 101 -13.61 15.36 2.98
N ASN C 102 -14.53 15.84 3.83
CA ASN C 102 -14.38 17.15 4.42
C ASN C 102 -13.62 17.13 5.74
N ASP C 103 -13.65 16.01 6.47
CA ASP C 103 -12.84 15.87 7.67
C ASP C 103 -11.43 15.42 7.30
N GLU C 104 -10.42 16.17 7.76
CA GLU C 104 -9.05 15.91 7.32
C GLU C 104 -8.54 14.56 7.81
N GLU C 105 -8.70 14.29 9.11
CA GLU C 105 -8.19 13.04 9.66
C GLU C 105 -8.97 11.85 9.13
N LEU C 106 -10.30 11.98 8.99
CA LEU C 106 -11.09 10.91 8.41
C LEU C 106 -10.71 10.64 6.96
N GLY C 107 -10.42 11.69 6.20
CA GLY C 107 -9.96 11.50 4.84
C GLY C 107 -8.60 10.85 4.76
N LYS C 108 -7.70 11.21 5.68
CA LYS C 108 -6.40 10.55 5.74
C LYS C 108 -6.56 9.06 6.07
N LEU C 109 -7.45 8.74 7.00
CA LEU C 109 -7.70 7.34 7.34
C LEU C 109 -8.33 6.59 6.17
N LEU C 110 -9.23 7.26 5.45
CA LEU C 110 -9.98 6.66 4.34
C LEU C 110 -9.61 7.42 3.09
N SER C 111 -8.50 7.03 2.46
CA SER C 111 -7.98 7.72 1.29
C SER C 111 -8.04 6.88 0.03
N GLY C 112 -7.66 5.61 0.10
CA GLY C 112 -7.83 4.69 -1.00
C GLY C 112 -9.19 4.04 -1.04
N VAL C 113 -10.08 4.43 -0.15
CA VAL C 113 -11.40 3.84 -0.04
C VAL C 113 -12.39 4.63 -0.89
N THR C 114 -13.15 3.92 -1.71
CA THR C 114 -14.22 4.53 -2.49
C THR C 114 -15.58 4.07 -1.94
N ILE C 115 -16.54 4.98 -1.95
CA ILE C 115 -17.86 4.77 -1.36
C ILE C 115 -18.86 4.60 -2.49
N ALA C 116 -19.68 3.55 -2.40
CA ALA C 116 -20.69 3.31 -3.42
C ALA C 116 -21.76 4.40 -3.37
N HIS C 117 -22.13 4.91 -4.55
CA HIS C 117 -23.16 5.94 -4.69
C HIS C 117 -22.82 7.17 -3.85
N GLY C 118 -21.57 7.61 -3.93
CA GLY C 118 -21.12 8.72 -3.13
C GLY C 118 -20.65 9.93 -3.91
N GLY C 119 -20.17 9.71 -5.13
CA GLY C 119 -19.72 10.83 -5.95
C GLY C 119 -18.39 11.40 -5.49
N VAL C 120 -18.18 12.68 -5.79
CA VAL C 120 -16.95 13.37 -5.46
C VAL C 120 -17.27 14.74 -4.86
N LEU C 121 -16.28 15.33 -4.20
CA LEU C 121 -16.42 16.69 -3.74
C LEU C 121 -16.44 17.66 -4.91
N PRO C 122 -17.30 18.68 -4.87
CA PRO C 122 -17.27 19.71 -5.92
C PRO C 122 -16.00 20.55 -5.81
N ASN C 123 -15.25 20.63 -6.90
CA ASN C 123 -13.99 21.37 -6.90
C ASN C 123 -13.67 21.78 -8.32
N ILE C 124 -13.82 23.07 -8.64
CA ILE C 124 -13.38 23.65 -9.89
C ILE C 124 -12.34 24.72 -9.56
N ASN C 125 -11.16 24.59 -10.14
CA ASN C 125 -10.06 25.48 -9.79
C ASN C 125 -10.21 26.84 -10.48
N SER C 126 -9.47 27.82 -9.96
CA SER C 126 -9.57 29.18 -10.46
C SER C 126 -9.11 29.28 -11.91
N VAL C 127 -8.17 28.43 -12.32
CA VAL C 127 -7.72 28.44 -13.71
C VAL C 127 -8.86 28.07 -14.64
N LEU C 128 -9.63 27.05 -14.28
CA LEU C 128 -10.77 26.66 -15.11
C LEU C 128 -11.89 27.69 -15.02
N LEU C 129 -12.12 28.24 -13.83
CA LEU C 129 -13.20 29.22 -13.69
C LEU C 129 -12.89 30.47 -14.50
N PRO C 130 -13.91 31.12 -15.08
CA PRO C 130 -13.71 32.33 -15.88
C PRO C 130 -13.28 33.54 -15.04
N SER D 62 -28.24 -16.34 8.41
CA SER D 62 -28.31 -15.28 9.40
C SER D 62 -27.00 -14.52 9.49
N VAL D 63 -26.82 -13.54 8.61
CA VAL D 63 -25.60 -12.74 8.59
C VAL D 63 -25.60 -11.79 9.78
N GLU D 64 -24.49 -11.75 10.51
CA GLU D 64 -24.35 -10.88 11.67
C GLU D 64 -23.82 -9.51 11.24
N THR D 65 -24.50 -8.46 11.66
CA THR D 65 -24.17 -7.09 11.28
C THR D 65 -24.14 -6.21 12.52
N TYR D 66 -23.78 -4.94 12.31
CA TYR D 66 -23.74 -3.94 13.37
C TYR D 66 -24.91 -2.97 13.27
N LYS D 67 -26.02 -3.39 12.66
CA LYS D 67 -27.12 -2.48 12.37
C LYS D 67 -27.70 -1.88 13.65
N ILE D 68 -27.99 -2.74 14.64
CA ILE D 68 -28.64 -2.26 15.86
C ILE D 68 -27.74 -1.28 16.59
N TYR D 69 -26.46 -1.60 16.72
CA TYR D 69 -25.56 -0.76 17.48
C TYR D 69 -25.29 0.56 16.77
N ILE D 70 -25.15 0.53 15.45
CA ILE D 70 -24.96 1.78 14.71
C ILE D 70 -26.20 2.64 14.81
N PHE D 71 -27.38 2.02 14.78
CA PHE D 71 -28.62 2.78 14.95
C PHE D 71 -28.68 3.42 16.33
N LYS D 72 -28.27 2.68 17.37
CA LYS D 72 -28.28 3.23 18.72
C LYS D 72 -27.31 4.41 18.83
N VAL D 73 -26.13 4.29 18.24
CA VAL D 73 -25.16 5.39 18.27
C VAL D 73 -25.70 6.61 17.54
N LEU D 74 -26.35 6.38 16.39
CA LEU D 74 -26.92 7.49 15.63
C LEU D 74 -28.03 8.18 16.39
N LYS D 75 -28.88 7.41 17.07
CA LYS D 75 -29.93 8.01 17.88
C LYS D 75 -29.39 8.71 19.11
N GLN D 76 -28.21 8.30 19.60
CA GLN D 76 -27.59 8.99 20.71
C GLN D 76 -26.92 10.29 20.27
N VAL D 77 -26.42 10.36 19.04
CA VAL D 77 -25.76 11.58 18.56
C VAL D 77 -26.79 12.55 17.99
N HIS D 78 -27.47 12.14 16.93
CA HIS D 78 -28.50 12.96 16.28
C HIS D 78 -29.83 12.22 16.35
N PRO D 79 -30.69 12.56 17.32
CA PRO D 79 -31.94 11.79 17.47
C PRO D 79 -32.96 12.05 16.37
N ASP D 80 -32.84 13.14 15.62
CA ASP D 80 -33.83 13.51 14.62
C ASP D 80 -33.42 13.16 13.21
N ILE D 81 -32.34 12.41 13.03
CA ILE D 81 -31.84 12.03 11.71
C ILE D 81 -31.83 10.52 11.60
N GLY D 82 -32.40 9.99 10.52
CA GLY D 82 -32.45 8.57 10.28
C GLY D 82 -31.30 8.10 9.40
N ILE D 83 -31.39 6.83 9.02
CA ILE D 83 -30.34 6.17 8.24
C ILE D 83 -30.98 5.26 7.21
N SER D 84 -30.31 5.14 6.07
CA SER D 84 -30.78 4.31 4.96
C SER D 84 -30.06 2.97 4.98
N SER D 85 -30.61 2.02 4.22
CA SER D 85 -30.04 0.68 4.17
C SER D 85 -28.65 0.70 3.56
N LYS D 86 -28.46 1.46 2.48
CA LYS D 86 -27.14 1.56 1.87
C LYS D 86 -26.14 2.21 2.82
N ALA D 87 -26.57 3.25 3.54
CA ALA D 87 -25.68 3.89 4.50
C ALA D 87 -25.30 2.94 5.62
N MET D 88 -26.26 2.13 6.08
CA MET D 88 -25.95 1.14 7.11
C MET D 88 -24.97 0.09 6.58
N GLY D 89 -25.13 -0.33 5.33
CA GLY D 89 -24.16 -1.24 4.75
C GLY D 89 -22.77 -0.64 4.70
N ILE D 90 -22.67 0.63 4.31
CA ILE D 90 -21.37 1.30 4.27
C ILE D 90 -20.76 1.39 5.65
N MET D 91 -21.57 1.77 6.66
CA MET D 91 -21.05 1.88 8.02
C MET D 91 -20.62 0.52 8.55
N ASN D 92 -21.38 -0.53 8.25
CA ASN D 92 -21.00 -1.87 8.65
C ASN D 92 -19.67 -2.28 8.04
N SER D 93 -19.49 -1.99 6.74
CA SER D 93 -18.22 -2.30 6.10
C SER D 93 -17.07 -1.51 6.71
N PHE D 94 -17.31 -0.24 7.04
CA PHE D 94 -16.27 0.59 7.63
C PHE D 94 -15.85 0.06 9.00
N ILE D 95 -16.84 -0.31 9.83
CA ILE D 95 -16.54 -0.87 11.15
C ILE D 95 -15.76 -2.17 11.01
N ASN D 96 -16.19 -3.04 10.08
CA ASN D 96 -15.48 -4.30 9.88
C ASN D 96 -14.04 -4.05 9.47
N ASP D 97 -13.82 -3.15 8.50
CA ASP D 97 -12.49 -2.90 7.98
C ASP D 97 -11.57 -2.36 9.07
N ILE D 98 -12.08 -1.42 9.87
CA ILE D 98 -11.27 -0.89 10.97
C ILE D 98 -10.96 -2.00 11.98
N PHE D 99 -11.94 -2.88 12.22
CA PHE D 99 -11.72 -3.98 13.15
C PHE D 99 -10.58 -4.88 12.67
N GLU D 100 -10.61 -5.28 11.39
CA GLU D 100 -9.53 -6.15 10.92
C GLU D 100 -8.20 -5.43 10.89
N LYS D 101 -8.18 -4.15 10.53
CA LYS D 101 -6.92 -3.41 10.55
C LYS D 101 -6.30 -3.42 11.94
N LEU D 102 -7.10 -3.05 12.95
CA LEU D 102 -6.59 -3.00 14.31
C LEU D 102 -6.15 -4.38 14.79
N ALA D 103 -6.97 -5.40 14.53
CA ALA D 103 -6.64 -6.74 15.02
C ALA D 103 -5.40 -7.30 14.35
N SER D 104 -5.25 -7.07 13.04
CA SER D 104 -4.07 -7.56 12.33
C SER D 104 -2.81 -6.83 12.80
N GLU D 105 -2.89 -5.52 13.02
CA GLU D 105 -1.70 -4.82 13.52
C GLU D 105 -1.42 -5.15 14.98
N SER D 106 -2.42 -5.64 15.72
CA SER D 106 -2.14 -6.14 17.06
C SER D 106 -1.47 -7.50 17.03
N SER D 107 -1.89 -8.37 16.11
CA SER D 107 -1.26 -9.68 15.99
C SER D 107 0.17 -9.55 15.49
N LYS D 108 0.40 -8.70 14.48
CA LYS D 108 1.72 -8.45 13.95
C LYS D 108 2.54 -7.55 14.85
N LEU D 109 2.14 -7.41 16.10
CA LEU D 109 2.84 -6.60 17.07
C LEU D 109 3.07 -7.42 18.33
N ALA D 110 2.17 -8.37 18.58
CA ALA D 110 2.43 -9.40 19.57
C ALA D 110 3.40 -10.46 19.05
N ARG D 111 3.44 -10.65 17.73
CA ARG D 111 4.38 -11.63 17.17
C ARG D 111 5.82 -11.15 17.26
N TYR D 112 6.04 -9.84 17.18
CA TYR D 112 7.40 -9.29 17.17
C TYR D 112 7.97 -9.10 18.56
N ASN D 113 7.24 -9.46 19.61
CA ASN D 113 7.73 -9.34 20.97
C ASN D 113 7.62 -10.67 21.72
N LYS D 114 7.41 -11.77 21.00
CA LYS D 114 7.29 -13.10 21.60
C LYS D 114 6.19 -13.13 22.66
N LYS D 115 5.09 -12.44 22.39
CA LYS D 115 3.97 -12.37 23.32
C LYS D 115 2.81 -13.21 22.80
N PRO D 116 2.39 -14.25 23.52
CA PRO D 116 1.23 -15.05 23.06
C PRO D 116 -0.11 -14.35 23.21
N THR D 117 -0.19 -13.22 23.92
CA THR D 117 -1.47 -12.63 24.28
C THR D 117 -1.64 -11.26 23.64
N ILE D 118 -2.88 -10.90 23.37
CA ILE D 118 -3.27 -9.57 22.92
C ILE D 118 -4.05 -8.92 24.04
N THR D 119 -3.59 -7.77 24.51
CA THR D 119 -4.18 -7.09 25.65
C THR D 119 -4.51 -5.64 25.29
N SER D 120 -4.97 -4.90 26.30
CA SER D 120 -5.29 -3.50 26.10
C SER D 120 -4.10 -2.70 25.63
N ARG D 121 -2.89 -3.04 26.09
CA ARG D 121 -1.69 -2.35 25.63
C ARG D 121 -1.48 -2.57 24.13
N GLU D 122 -1.66 -3.81 23.66
CA GLU D 122 -1.53 -4.09 22.24
C GLU D 122 -2.58 -3.34 21.43
N ILE D 123 -3.83 -3.32 21.91
CA ILE D 123 -4.87 -2.61 21.18
C ILE D 123 -4.57 -1.11 21.16
N GLN D 124 -4.04 -0.58 22.26
CA GLN D 124 -3.74 0.84 22.35
C GLN D 124 -2.64 1.24 21.36
N THR D 125 -1.56 0.45 21.31
CA THR D 125 -0.50 0.79 20.36
C THR D 125 -0.95 0.53 18.92
N ALA D 126 -1.83 -0.44 18.69
CA ALA D 126 -2.40 -0.62 17.36
C ALA D 126 -3.22 0.59 16.94
N VAL D 127 -4.00 1.14 17.87
CA VAL D 127 -4.76 2.36 17.58
C VAL D 127 -3.82 3.50 17.24
N ARG D 128 -2.76 3.65 18.04
CA ARG D 128 -1.79 4.72 17.78
C ARG D 128 -1.15 4.58 16.41
N LEU D 129 -0.89 3.34 15.99
CA LEU D 129 -0.26 3.13 14.69
C LEU D 129 -1.25 3.34 13.54
N VAL D 130 -2.50 2.94 13.72
CA VAL D 130 -3.46 2.99 12.62
C VAL D 130 -4.03 4.39 12.46
N LEU D 131 -4.66 4.91 13.50
CA LEU D 131 -5.41 6.15 13.37
C LEU D 131 -4.49 7.36 13.31
N PRO D 132 -4.93 8.45 12.67
CA PRO D 132 -4.17 9.71 12.71
C PRO D 132 -4.13 10.32 14.11
N GLY D 133 -3.51 11.48 14.26
CA GLY D 133 -3.15 12.01 15.57
C GLY D 133 -4.27 12.27 16.56
N GLU D 134 -5.11 13.27 16.29
CA GLU D 134 -6.17 13.61 17.24
C GLU D 134 -7.18 12.47 17.37
N LEU D 135 -7.45 11.79 16.26
CA LEU D 135 -8.38 10.66 16.30
C LEU D 135 -7.87 9.56 17.21
N ALA D 136 -6.56 9.26 17.14
CA ALA D 136 -5.98 8.24 18.01
C ALA D 136 -5.94 8.71 19.45
N LYS D 137 -5.69 10.00 19.68
CA LYS D 137 -5.70 10.51 21.05
C LYS D 137 -7.08 10.34 21.69
N HIS D 138 -8.12 10.74 20.97
CA HIS D 138 -9.48 10.58 21.50
C HIS D 138 -9.86 9.12 21.66
N ALA D 139 -9.46 8.27 20.71
CA ALA D 139 -9.76 6.85 20.82
C ALA D 139 -9.06 6.22 22.02
N VAL D 140 -7.82 6.64 22.29
CA VAL D 140 -7.09 6.13 23.45
C VAL D 140 -7.78 6.58 24.73
N SER D 141 -8.23 7.83 24.78
CA SER D 141 -8.98 8.29 25.94
C SER D 141 -10.24 7.44 26.15
N GLU D 142 -10.98 7.19 25.07
CA GLU D 142 -12.21 6.41 25.17
C GLU D 142 -11.93 4.98 25.64
N GLY D 143 -10.90 4.35 25.09
CA GLY D 143 -10.57 3.00 25.49
C GLY D 143 -10.10 2.92 26.93
N THR D 144 -9.29 3.88 27.37
CA THR D 144 -8.84 3.91 28.75
C THR D 144 -10.03 4.07 29.70
N LYS D 145 -10.95 4.97 29.37
CA LYS D 145 -12.14 5.15 30.19
C LYS D 145 -12.99 3.87 30.24
N ALA D 146 -13.15 3.21 29.09
CA ALA D 146 -13.95 1.99 29.05
C ALA D 146 -13.32 0.88 29.89
N VAL D 147 -12.01 0.70 29.78
CA VAL D 147 -11.34 -0.35 30.54
C VAL D 147 -11.38 -0.03 32.03
N THR D 148 -11.23 1.25 32.39
CA THR D 148 -11.33 1.62 33.80
C THR D 148 -12.72 1.34 34.36
N LYS D 149 -13.77 1.67 33.60
CA LYS D 149 -15.12 1.35 34.05
C LYS D 149 -15.33 -0.15 34.17
N PHE D 150 -14.81 -0.92 33.22
CA PHE D 150 -14.96 -2.37 33.27
C PHE D 150 -14.25 -2.95 34.50
N THR D 151 -13.05 -2.45 34.79
CA THR D 151 -12.32 -2.93 35.96
C THR D 151 -13.03 -2.54 37.26
N SER D 152 -13.56 -1.31 37.32
CA SER D 152 -14.28 -0.89 38.52
C SER D 152 -15.53 -1.71 38.74
N SER D 153 -16.28 -1.98 37.66
CA SER D 153 -17.50 -2.77 37.77
C SER D 153 -17.21 -4.26 37.64
N HIS E 43 -29.72 31.48 -29.65
CA HIS E 43 -28.36 31.93 -29.39
C HIS E 43 -27.45 30.74 -29.10
N ARG E 44 -26.14 31.01 -29.00
CA ARG E 44 -25.14 29.98 -28.75
C ARG E 44 -24.32 30.36 -27.53
N PHE E 45 -24.16 29.40 -26.62
CA PHE E 45 -23.27 29.61 -25.48
C PHE E 45 -21.82 29.61 -25.93
N ARG E 46 -21.02 30.44 -25.28
CA ARG E 46 -19.59 30.47 -25.56
C ARG E 46 -18.94 29.17 -25.07
N PRO E 47 -17.85 28.75 -25.72
CA PRO E 47 -17.17 27.51 -25.30
C PRO E 47 -16.66 27.62 -23.87
N GLY E 48 -17.18 26.77 -23.00
CA GLY E 48 -16.77 26.75 -21.62
C GLY E 48 -17.91 26.80 -20.62
N THR E 49 -18.98 27.55 -20.95
CA THR E 49 -20.11 27.67 -20.04
C THR E 49 -20.84 26.34 -19.87
N VAL E 50 -21.13 25.67 -20.99
CA VAL E 50 -21.77 24.36 -20.93
C VAL E 50 -20.86 23.37 -20.23
N ALA E 51 -19.55 23.48 -20.44
CA ALA E 51 -18.61 22.60 -19.76
C ALA E 51 -18.68 22.79 -18.25
N LEU E 52 -18.72 24.04 -17.79
CA LEU E 52 -18.79 24.30 -16.36
C LEU E 52 -20.11 23.80 -15.77
N ARG E 53 -21.22 24.05 -16.47
CA ARG E 53 -22.51 23.57 -15.97
C ARG E 53 -22.54 22.05 -15.90
N GLU E 54 -21.95 21.37 -16.90
CA GLU E 54 -21.86 19.92 -16.85
C GLU E 54 -20.99 19.46 -15.69
N ILE E 55 -19.90 20.17 -15.41
CA ILE E 55 -19.05 19.81 -14.28
C ILE E 55 -19.83 19.88 -12.98
N ARG E 56 -20.56 20.99 -12.78
CA ARG E 56 -21.37 21.10 -11.57
C ARG E 56 -22.44 20.02 -11.51
N LYS E 57 -23.09 19.73 -12.64
CA LYS E 57 -24.15 18.73 -12.66
C LYS E 57 -23.62 17.35 -12.29
N TYR E 58 -22.49 16.96 -12.88
CA TYR E 58 -21.95 15.63 -12.66
C TYR E 58 -21.14 15.52 -11.38
N GLN E 59 -20.82 16.64 -10.73
CA GLN E 59 -20.26 16.58 -9.40
C GLN E 59 -21.31 16.61 -8.31
N LYS E 60 -22.49 17.16 -8.59
CA LYS E 60 -23.59 17.11 -7.64
C LYS E 60 -24.32 15.77 -7.63
N SER E 61 -24.09 14.92 -8.62
CA SER E 61 -24.82 13.67 -8.77
C SER E 61 -23.98 12.49 -8.26
N THR E 62 -24.66 11.36 -8.08
CA THR E 62 -24.05 10.13 -7.60
C THR E 62 -24.53 8.95 -8.43
N GLU E 63 -24.68 9.15 -9.73
CA GLU E 63 -25.24 8.14 -10.63
C GLU E 63 -24.20 7.70 -11.65
N LEU E 64 -24.28 6.44 -12.05
CA LEU E 64 -23.27 5.84 -12.92
C LEU E 64 -23.31 6.46 -14.31
N LEU E 65 -22.13 6.73 -14.85
CA LEU E 65 -22.00 7.42 -16.12
C LEU E 65 -21.70 6.49 -17.30
N ILE E 66 -21.61 5.18 -17.06
CA ILE E 66 -21.29 4.20 -18.10
C ILE E 66 -22.49 3.28 -18.30
N ARG E 67 -22.79 2.98 -19.56
CA ARG E 67 -23.92 2.13 -19.89
C ARG E 67 -23.70 0.71 -19.36
N LYS E 68 -24.70 0.21 -18.64
CA LYS E 68 -24.54 -1.03 -17.89
C LYS E 68 -24.30 -2.22 -18.81
N LEU E 69 -25.10 -2.35 -19.87
CA LEU E 69 -24.94 -3.50 -20.77
C LEU E 69 -23.60 -3.47 -21.51
N PRO E 70 -23.16 -2.35 -22.09
CA PRO E 70 -21.81 -2.34 -22.67
C PRO E 70 -20.72 -2.67 -21.67
N PHE E 71 -20.83 -2.16 -20.44
CA PHE E 71 -19.81 -2.52 -19.45
C PHE E 71 -19.83 -4.00 -19.13
N GLN E 72 -21.02 -4.59 -19.06
CA GLN E 72 -21.14 -6.02 -18.82
C GLN E 72 -20.49 -6.83 -19.93
N ARG E 73 -20.74 -6.43 -21.18
CA ARG E 73 -20.13 -7.13 -22.30
C ARG E 73 -18.62 -6.99 -22.29
N LEU E 74 -18.10 -5.80 -21.97
CA LEU E 74 -16.65 -5.63 -21.89
C LEU E 74 -16.05 -6.50 -20.80
N VAL E 75 -16.70 -6.57 -19.64
CA VAL E 75 -16.20 -7.41 -18.55
C VAL E 75 -16.18 -8.88 -18.97
N ARG E 76 -17.25 -9.33 -19.63
CA ARG E 76 -17.29 -10.72 -20.08
C ARG E 76 -16.22 -11.00 -21.13
N GLU E 77 -16.01 -10.06 -22.05
CA GLU E 77 -14.96 -10.24 -23.05
C GLU E 77 -13.59 -10.35 -22.41
N ILE E 78 -13.31 -9.50 -21.41
CA ILE E 78 -12.02 -9.57 -20.73
C ILE E 78 -11.88 -10.89 -19.97
N ALA E 79 -12.95 -11.33 -19.31
CA ALA E 79 -12.88 -12.58 -18.56
C ALA E 79 -12.79 -13.80 -19.46
N GLN E 80 -13.21 -13.69 -20.72
CA GLN E 80 -13.09 -14.80 -21.65
C GLN E 80 -11.64 -15.22 -21.87
N ASP E 81 -10.69 -14.33 -21.61
CA ASP E 81 -9.28 -14.61 -21.80
C ASP E 81 -8.62 -15.25 -20.57
N PHE E 82 -9.37 -15.46 -19.49
CA PHE E 82 -8.86 -16.08 -18.28
C PHE E 82 -9.47 -17.45 -18.00
N LYS E 83 -10.79 -17.58 -18.15
CA LYS E 83 -11.45 -18.86 -17.94
C LYS E 83 -12.72 -18.89 -18.77
N THR E 84 -12.86 -19.92 -19.60
CA THR E 84 -14.03 -20.05 -20.44
C THR E 84 -15.24 -20.47 -19.60
N ASP E 85 -16.42 -20.07 -20.06
CA ASP E 85 -17.70 -20.42 -19.43
C ASP E 85 -17.75 -19.93 -17.98
N LEU E 86 -17.63 -18.62 -17.82
CA LEU E 86 -17.81 -17.97 -16.53
C LEU E 86 -19.16 -17.27 -16.50
N ARG E 87 -19.90 -17.51 -15.44
CA ARG E 87 -21.11 -16.77 -15.14
C ARG E 87 -20.77 -15.65 -14.16
N PHE E 88 -21.62 -14.62 -14.14
CA PHE E 88 -21.38 -13.46 -13.31
C PHE E 88 -22.60 -13.20 -12.44
N GLN E 89 -22.43 -12.27 -11.51
CA GLN E 89 -23.50 -11.77 -10.67
C GLN E 89 -23.72 -10.29 -10.96
N SER E 90 -24.98 -9.86 -10.85
CA SER E 90 -25.29 -8.45 -11.04
C SER E 90 -24.55 -7.59 -10.03
N SER E 91 -24.45 -8.06 -8.79
CA SER E 91 -23.68 -7.35 -7.77
C SER E 91 -22.21 -7.26 -8.16
N ALA E 92 -21.67 -8.33 -8.75
CA ALA E 92 -20.28 -8.32 -9.17
C ALA E 92 -20.04 -7.29 -10.26
N VAL E 93 -20.92 -7.25 -11.26
CA VAL E 93 -20.76 -6.29 -12.34
C VAL E 93 -20.94 -4.86 -11.83
N ALA E 94 -21.88 -4.67 -10.90
CA ALA E 94 -22.06 -3.34 -10.31
C ALA E 94 -20.82 -2.91 -9.54
N ALA E 95 -20.20 -3.83 -8.79
CA ALA E 95 -18.98 -3.51 -8.07
C ALA E 95 -17.85 -3.13 -9.03
N LEU E 96 -17.69 -3.91 -10.10
CA LEU E 96 -16.67 -3.58 -11.09
C LEU E 96 -16.92 -2.22 -11.72
N GLN E 97 -18.18 -1.90 -12.01
CA GLN E 97 -18.51 -0.61 -12.60
C GLN E 97 -18.18 0.53 -11.65
N GLU E 98 -18.56 0.39 -10.37
CA GLU E 98 -18.25 1.43 -9.39
C GLU E 98 -16.75 1.64 -9.26
N ALA E 99 -16.00 0.55 -9.18
CA ALA E 99 -14.55 0.66 -9.05
C ALA E 99 -13.94 1.34 -10.27
N ALA E 100 -14.36 0.94 -11.47
CA ALA E 100 -13.82 1.54 -12.69
C ALA E 100 -14.15 3.02 -12.78
N GLU E 101 -15.38 3.41 -12.45
CA GLU E 101 -15.75 4.82 -12.49
C GLU E 101 -14.93 5.63 -11.50
N ALA E 102 -14.78 5.14 -10.27
CA ALA E 102 -13.99 5.85 -9.27
C ALA E 102 -12.54 6.00 -9.73
N TYR E 103 -11.96 4.93 -10.26
CA TYR E 103 -10.58 4.99 -10.73
C TYR E 103 -10.42 6.01 -11.85
N LEU E 104 -11.34 6.01 -12.81
CA LEU E 104 -11.21 6.93 -13.93
C LEU E 104 -11.38 8.37 -13.48
N VAL E 105 -12.28 8.62 -12.52
CA VAL E 105 -12.45 9.98 -12.01
C VAL E 105 -11.17 10.46 -11.33
N GLY E 106 -10.56 9.60 -10.51
CA GLY E 106 -9.29 9.97 -9.89
C GLY E 106 -8.19 10.23 -10.90
N LEU E 107 -8.11 9.36 -11.92
CA LEU E 107 -7.11 9.54 -12.97
C LEU E 107 -7.32 10.85 -13.70
N PHE E 108 -8.56 11.23 -13.95
CA PHE E 108 -8.83 12.47 -14.66
C PHE E 108 -8.55 13.69 -13.79
N GLU E 109 -8.75 13.58 -12.48
CA GLU E 109 -8.33 14.65 -11.58
C GLU E 109 -6.81 14.86 -11.65
N ASP E 110 -6.05 13.78 -11.60
CA ASP E 110 -4.59 13.89 -11.70
C ASP E 110 -4.18 14.43 -13.07
N THR E 111 -4.86 13.99 -14.13
CA THR E 111 -4.56 14.48 -15.46
C THR E 111 -4.82 15.99 -15.57
N ASN E 112 -5.92 16.46 -14.98
CA ASN E 112 -6.20 17.88 -14.97
C ASN E 112 -5.11 18.64 -14.21
N LEU E 113 -4.65 18.09 -13.10
CA LEU E 113 -3.56 18.71 -12.36
C LEU E 113 -2.33 18.86 -13.25
N CYS E 114 -1.97 17.79 -13.97
CA CYS E 114 -0.81 17.85 -14.84
C CYS E 114 -0.99 18.88 -15.96
N ALA E 115 -2.19 18.93 -16.54
CA ALA E 115 -2.46 19.88 -17.62
C ALA E 115 -2.33 21.32 -17.13
N ILE E 116 -2.87 21.61 -15.94
CA ILE E 116 -2.73 22.95 -15.38
C ILE E 116 -1.27 23.25 -15.08
N HIS E 117 -0.51 22.23 -14.64
CA HIS E 117 0.92 22.43 -14.42
C HIS E 117 1.63 22.82 -15.72
N ALA E 118 1.25 22.21 -16.83
CA ALA E 118 1.84 22.54 -18.12
C ALA E 118 1.23 23.78 -18.75
N LYS E 119 0.52 24.60 -17.97
CA LYS E 119 -0.10 25.84 -18.44
C LYS E 119 -1.09 25.57 -19.58
N ARG E 120 -2.00 24.63 -19.34
CA ARG E 120 -2.98 24.23 -20.33
C ARG E 120 -4.33 24.03 -19.67
N VAL E 121 -5.39 24.14 -20.47
CA VAL E 121 -6.73 23.79 -20.02
C VAL E 121 -7.06 22.42 -20.59
N THR E 122 -6.53 22.14 -21.78
CA THR E 122 -6.76 20.85 -22.42
C THR E 122 -5.95 19.77 -21.72
N ILE E 123 -6.60 18.63 -21.48
CA ILE E 123 -5.92 17.43 -21.01
C ILE E 123 -5.57 16.58 -22.22
N MET E 124 -4.40 15.96 -22.19
CA MET E 124 -3.82 15.25 -23.32
C MET E 124 -3.28 13.91 -22.85
N PRO E 125 -3.06 12.97 -23.78
CA PRO E 125 -2.55 11.66 -23.37
C PRO E 125 -1.22 11.70 -22.64
N LYS E 126 -0.37 12.68 -22.93
CA LYS E 126 0.88 12.81 -22.18
C LYS E 126 0.63 13.11 -20.71
N ASP E 127 -0.43 13.86 -20.41
CA ASP E 127 -0.79 14.11 -19.02
C ASP E 127 -1.22 12.83 -18.32
N ILE E 128 -2.03 11.99 -18.99
CA ILE E 128 -2.43 10.72 -18.40
C ILE E 128 -1.22 9.84 -18.18
N GLN E 129 -0.31 9.80 -19.15
CA GLN E 129 0.90 9.00 -19.01
C GLN E 129 1.76 9.46 -17.84
N LEU E 130 1.92 10.77 -17.69
CA LEU E 130 2.70 11.29 -16.57
C LEU E 130 2.03 10.98 -15.23
N ALA E 131 0.72 11.13 -15.16
CA ALA E 131 0.01 10.82 -13.93
C ALA E 131 0.19 9.35 -13.55
N ARG E 132 0.04 8.46 -14.53
CA ARG E 132 0.20 7.04 -14.24
C ARG E 132 1.65 6.71 -13.89
N ARG E 133 2.60 7.39 -14.51
CA ARG E 133 4.01 7.15 -14.19
C ARG E 133 4.32 7.54 -12.75
N ILE E 134 3.83 8.69 -12.31
CA ILE E 134 4.08 9.11 -10.93
C ILE E 134 3.35 8.20 -9.96
N ARG E 135 2.11 7.82 -10.28
CA ARG E 135 1.36 6.94 -9.39
C ARG E 135 1.98 5.57 -9.27
N GLY E 136 2.57 5.05 -10.36
CA GLY E 136 3.25 3.77 -10.32
C GLY E 136 2.68 2.71 -11.23
N GLU E 137 1.62 2.97 -12.00
CA GLU E 137 1.07 1.95 -12.87
C GLU E 137 1.98 1.70 -14.07
N ARG E 138 2.58 2.76 -14.61
CA ARG E 138 3.43 2.65 -15.80
C ARG E 138 4.89 2.65 -15.38
N ALA E 139 5.64 1.68 -15.89
CA ALA E 139 7.07 1.55 -15.57
C ALA E 139 7.90 2.47 -16.46
N ASN F 29 -15.92 -4.79 -28.28
CA ASN F 29 -16.75 -4.51 -27.12
C ASN F 29 -16.20 -3.34 -26.31
N ILE F 30 -14.92 -3.02 -26.51
CA ILE F 30 -14.34 -1.87 -25.86
C ILE F 30 -14.96 -0.57 -26.35
N GLN F 31 -15.52 -0.58 -27.57
CA GLN F 31 -16.15 0.61 -28.12
C GLN F 31 -17.45 0.97 -27.41
N GLY F 32 -17.96 0.07 -26.56
CA GLY F 32 -19.14 0.40 -25.77
C GLY F 32 -18.90 1.49 -24.75
N ILE F 33 -17.64 1.76 -24.41
CA ILE F 33 -17.29 2.89 -23.56
C ILE F 33 -17.15 4.10 -24.47
N THR F 34 -18.27 4.78 -24.71
CA THR F 34 -18.37 5.78 -25.76
C THR F 34 -17.66 7.07 -25.36
N LYS F 35 -17.48 7.93 -26.35
CA LYS F 35 -16.90 9.25 -26.09
C LYS F 35 -17.72 10.07 -25.10
N PRO F 36 -19.05 10.16 -25.21
CA PRO F 36 -19.80 10.91 -24.19
C PRO F 36 -19.63 10.38 -22.78
N ALA F 37 -19.51 9.06 -22.59
CA ALA F 37 -19.32 8.53 -21.24
C ALA F 37 -17.97 8.96 -20.66
N ILE F 38 -16.91 8.92 -21.48
CA ILE F 38 -15.60 9.39 -21.02
C ILE F 38 -15.65 10.88 -20.73
N ARG F 39 -16.39 11.64 -21.54
CA ARG F 39 -16.54 13.06 -21.25
C ARG F 39 -17.25 13.28 -19.92
N ARG F 40 -18.28 12.48 -19.62
CA ARG F 40 -18.97 12.61 -18.34
C ARG F 40 -18.04 12.29 -17.17
N LEU F 41 -17.24 11.23 -17.31
CA LEU F 41 -16.28 10.91 -16.26
C LEU F 41 -15.28 12.04 -16.07
N ALA F 42 -14.83 12.65 -17.17
CA ALA F 42 -13.92 13.78 -17.07
C ALA F 42 -14.58 14.96 -16.36
N ARG F 43 -15.85 15.23 -16.68
CA ARG F 43 -16.55 16.34 -16.03
C ARG F 43 -16.66 16.09 -14.53
N ARG F 44 -16.98 14.87 -14.12
CA ARG F 44 -16.97 14.59 -12.70
C ARG F 44 -15.58 14.70 -12.11
N GLY F 45 -14.55 14.46 -12.91
CA GLY F 45 -13.18 14.70 -12.47
C GLY F 45 -12.74 16.14 -12.55
N GLY F 46 -13.52 17.01 -13.19
CA GLY F 46 -13.20 18.42 -13.22
C GLY F 46 -12.40 18.85 -14.43
N VAL F 47 -12.74 18.32 -15.60
CA VAL F 47 -12.05 18.65 -16.84
C VAL F 47 -12.93 19.57 -17.67
N LYS F 48 -12.37 20.71 -18.06
CA LYS F 48 -13.10 21.69 -18.84
C LYS F 48 -12.93 21.52 -20.34
N ARG F 49 -11.90 20.81 -20.79
CA ARG F 49 -11.63 20.69 -22.22
C ARG F 49 -10.83 19.41 -22.46
N ILE F 50 -11.22 18.63 -23.46
CA ILE F 50 -10.68 17.29 -23.70
C ILE F 50 -10.13 17.22 -25.12
N SER F 51 -9.02 16.50 -25.28
CA SER F 51 -8.41 16.31 -26.59
C SER F 51 -8.96 15.04 -27.24
N GLY F 52 -8.56 14.80 -28.49
CA GLY F 52 -9.13 13.69 -29.25
C GLY F 52 -8.68 12.32 -28.77
N LEU F 53 -7.39 12.15 -28.51
CA LEU F 53 -6.83 10.83 -28.22
C LEU F 53 -7.06 10.39 -26.78
N ILE F 54 -7.63 11.26 -25.95
CA ILE F 54 -7.92 10.92 -24.58
C ILE F 54 -8.86 9.72 -24.50
N TYR F 55 -9.75 9.57 -25.48
CA TYR F 55 -10.71 8.47 -25.45
C TYR F 55 -10.02 7.12 -25.64
N GLU F 56 -9.11 7.02 -26.63
CA GLU F 56 -8.36 5.79 -26.81
C GLU F 56 -7.46 5.52 -25.61
N GLU F 57 -6.81 6.56 -25.08
CA GLU F 57 -5.96 6.35 -23.90
C GLU F 57 -6.78 5.84 -22.72
N THR F 58 -7.95 6.43 -22.50
CA THR F 58 -8.83 6.01 -21.41
C THR F 58 -9.30 4.59 -21.60
N ARG F 59 -9.63 4.20 -22.83
CA ARG F 59 -10.04 2.82 -23.09
C ARG F 59 -8.92 1.85 -22.75
N GLY F 60 -7.69 2.17 -23.15
CA GLY F 60 -6.57 1.31 -22.81
C GLY F 60 -6.33 1.20 -21.31
N VAL F 61 -6.40 2.32 -20.61
CA VAL F 61 -6.18 2.33 -19.16
C VAL F 61 -7.27 1.52 -18.46
N LEU F 62 -8.52 1.70 -18.88
CA LEU F 62 -9.63 0.95 -18.30
C LEU F 62 -9.47 -0.54 -18.57
N LYS F 63 -9.00 -0.89 -19.77
CA LYS F 63 -8.77 -2.29 -20.08
C LYS F 63 -7.72 -2.90 -19.16
N ILE F 64 -6.63 -2.16 -18.90
CA ILE F 64 -5.59 -2.67 -18.00
C ILE F 64 -6.15 -2.87 -16.60
N PHE F 65 -6.87 -1.87 -16.10
CA PHE F 65 -7.45 -1.94 -14.75
C PHE F 65 -8.39 -3.13 -14.63
N LEU F 66 -9.28 -3.30 -15.60
CA LEU F 66 -10.24 -4.39 -15.57
C LEU F 66 -9.54 -5.73 -15.70
N GLU F 67 -8.49 -5.82 -16.51
CA GLU F 67 -7.75 -7.06 -16.62
C GLU F 67 -7.17 -7.47 -15.27
N ASN F 68 -6.53 -6.53 -14.56
CA ASN F 68 -5.96 -6.87 -13.26
C ASN F 68 -7.03 -7.33 -12.28
N VAL F 69 -8.11 -6.54 -12.15
CA VAL F 69 -9.12 -6.85 -11.14
C VAL F 69 -9.83 -8.16 -11.49
N ILE F 70 -10.16 -8.37 -12.76
CA ILE F 70 -10.86 -9.59 -13.17
C ILE F 70 -9.96 -10.79 -13.02
N ARG F 71 -8.65 -10.64 -13.27
CA ARG F 71 -7.72 -11.74 -13.07
C ARG F 71 -7.74 -12.19 -11.61
N ASP F 72 -7.65 -11.24 -10.69
CA ASP F 72 -7.68 -11.63 -9.27
C ASP F 72 -9.03 -12.21 -8.87
N ALA F 73 -10.13 -11.64 -9.37
CA ALA F 73 -11.44 -12.18 -9.04
C ALA F 73 -11.63 -13.59 -9.57
N VAL F 74 -11.16 -13.86 -10.78
CA VAL F 74 -11.25 -15.19 -11.36
C VAL F 74 -10.38 -16.17 -10.58
N THR F 75 -9.22 -15.71 -10.11
CA THR F 75 -8.39 -16.58 -9.26
C THR F 75 -9.14 -16.95 -7.99
N TYR F 76 -9.81 -15.98 -7.36
CA TYR F 76 -10.57 -16.27 -6.15
C TYR F 76 -11.70 -17.25 -6.44
N THR F 77 -12.41 -17.04 -7.55
CA THR F 77 -13.51 -17.93 -7.91
C THR F 77 -13.01 -19.35 -8.17
N GLU F 78 -11.88 -19.48 -8.87
CA GLU F 78 -11.31 -20.80 -9.13
C GLU F 78 -10.90 -21.48 -7.84
N HIS F 79 -10.31 -20.72 -6.90
CA HIS F 79 -9.97 -21.32 -5.61
C HIS F 79 -11.22 -21.74 -4.85
N ALA F 80 -12.33 -21.03 -5.04
CA ALA F 80 -13.58 -21.41 -4.40
C ALA F 80 -14.26 -22.59 -5.07
N ARG F 81 -13.68 -23.12 -6.15
CA ARG F 81 -14.28 -24.23 -6.91
C ARG F 81 -15.67 -23.86 -7.41
N ARG F 82 -15.80 -22.65 -7.94
CA ARG F 82 -17.05 -22.11 -8.44
C ARG F 82 -16.91 -21.80 -9.92
N LYS F 83 -18.02 -21.34 -10.51
CA LYS F 83 -18.01 -20.85 -11.88
C LYS F 83 -18.67 -19.48 -12.01
N THR F 84 -19.16 -18.91 -10.91
CA THR F 84 -19.79 -17.60 -10.90
C THR F 84 -18.94 -16.63 -10.11
N VAL F 85 -18.61 -15.49 -10.72
CA VAL F 85 -17.83 -14.47 -10.03
C VAL F 85 -18.76 -13.69 -9.10
N THR F 86 -18.37 -13.58 -7.84
CA THR F 86 -19.21 -12.94 -6.83
C THR F 86 -18.66 -11.58 -6.44
N ALA F 87 -19.57 -10.76 -5.91
CA ALA F 87 -19.19 -9.42 -5.47
C ALA F 87 -18.15 -9.46 -4.37
N MET F 88 -18.19 -10.49 -3.51
CA MET F 88 -17.15 -10.63 -2.50
C MET F 88 -15.78 -10.84 -3.13
N ASP F 89 -15.71 -11.67 -4.17
CA ASP F 89 -14.46 -11.85 -4.88
C ASP F 89 -13.97 -10.54 -5.49
N VAL F 90 -14.89 -9.79 -6.11
CA VAL F 90 -14.50 -8.51 -6.70
C VAL F 90 -13.99 -7.55 -5.62
N VAL F 91 -14.67 -7.52 -4.47
CA VAL F 91 -14.28 -6.62 -3.39
C VAL F 91 -12.91 -7.01 -2.85
N TYR F 92 -12.65 -8.32 -2.71
CA TYR F 92 -11.36 -8.77 -2.23
C TYR F 92 -10.24 -8.43 -3.20
N ALA F 93 -10.50 -8.59 -4.51
CA ALA F 93 -9.51 -8.19 -5.50
C ALA F 93 -9.24 -6.68 -5.42
N LEU F 94 -10.28 -5.88 -5.29
CA LEU F 94 -10.10 -4.44 -5.19
C LEU F 94 -9.30 -4.07 -3.95
N LYS F 95 -9.55 -4.77 -2.84
CA LYS F 95 -8.77 -4.56 -1.63
C LYS F 95 -7.31 -4.94 -1.85
N ARG F 96 -7.05 -5.97 -2.66
CA ARG F 96 -5.68 -6.27 -3.06
C ARG F 96 -5.04 -5.11 -3.79
N GLN F 97 -5.77 -4.51 -4.74
CA GLN F 97 -5.10 -3.38 -5.40
C GLN F 97 -5.00 -2.14 -4.51
N GLY F 98 -5.31 -2.22 -3.22
CA GLY F 98 -5.22 -1.06 -2.37
C GLY F 98 -6.37 -0.08 -2.52
N ARG F 99 -7.46 -0.49 -3.15
CA ARG F 99 -8.60 0.38 -3.43
C ARG F 99 -9.88 -0.33 -2.99
N THR F 100 -10.20 -0.18 -1.70
CA THR F 100 -11.32 -0.90 -1.13
C THR F 100 -12.65 -0.29 -1.59
N LEU F 101 -13.69 -1.10 -1.52
CA LEU F 101 -15.04 -0.72 -1.95
C LEU F 101 -16.01 -1.01 -0.82
N TYR F 102 -16.75 0.02 -0.39
CA TYR F 102 -17.74 -0.12 0.66
C TYR F 102 -19.13 -0.10 0.05
N GLY F 103 -19.94 -1.08 0.42
CA GLY F 103 -21.32 -1.13 -0.05
C GLY F 103 -21.74 -2.48 -0.59
N PHE F 104 -20.78 -3.37 -0.80
CA PHE F 104 -21.07 -4.69 -1.38
C PHE F 104 -20.67 -5.83 -0.45
N GLY F 105 -20.36 -5.55 0.81
CA GLY F 105 -19.99 -6.60 1.73
C GLY F 105 -18.53 -6.55 2.13
N GLY F 106 -18.25 -6.07 3.34
CA GLY F 106 -16.89 -5.96 3.82
C GLY F 106 -16.77 -6.16 5.32
N LYS G 26 18.59 -44.22 7.70
CA LYS G 26 17.16 -44.49 7.77
C LYS G 26 16.35 -43.19 7.79
N SER G 27 17.05 -42.07 7.91
CA SER G 27 16.43 -40.75 7.97
C SER G 27 16.71 -40.03 6.66
N VAL G 28 15.67 -39.82 5.87
CA VAL G 28 15.75 -39.06 4.63
C VAL G 28 15.03 -37.74 4.81
N SER G 29 15.74 -36.64 4.57
CA SER G 29 15.17 -35.31 4.77
C SER G 29 14.05 -35.05 3.77
N LYS G 30 13.07 -34.25 4.20
CA LYS G 30 11.95 -33.91 3.33
C LYS G 30 12.39 -33.11 2.12
N SER G 31 13.51 -32.40 2.21
CA SER G 31 14.03 -31.71 1.03
C SER G 31 14.46 -32.69 -0.04
N MET G 32 15.12 -33.78 0.36
CA MET G 32 15.60 -34.76 -0.60
C MET G 32 14.45 -35.50 -1.28
N LYS G 33 13.37 -35.76 -0.54
CA LYS G 33 12.21 -36.42 -1.13
C LYS G 33 11.60 -35.56 -2.23
N ALA G 34 11.53 -34.25 -2.02
CA ALA G 34 10.99 -33.33 -3.02
C ALA G 34 12.03 -32.92 -4.04
N GLY G 35 13.28 -33.33 -3.88
CA GLY G 35 14.34 -32.95 -4.79
C GLY G 35 14.65 -31.47 -4.72
N LEU G 36 14.70 -30.92 -3.52
CA LEU G 36 14.85 -29.48 -3.35
C LEU G 36 16.02 -29.19 -2.42
N GLN G 37 16.48 -27.95 -2.45
CA GLN G 37 17.53 -27.50 -1.54
C GLN G 37 17.01 -26.79 -0.30
N PHE G 38 15.90 -26.03 -0.38
CA PHE G 38 15.45 -25.20 0.73
C PHE G 38 14.79 -26.03 1.81
N PRO G 39 14.88 -25.62 3.10
CA PRO G 39 14.51 -26.51 4.20
C PRO G 39 13.01 -26.65 4.35
N VAL G 40 12.49 -27.82 3.95
CA VAL G 40 11.06 -28.09 4.10
C VAL G 40 10.68 -28.13 5.58
N GLY G 41 11.52 -28.74 6.41
CA GLY G 41 11.22 -28.79 7.83
C GLY G 41 11.20 -27.42 8.48
N ARG G 42 12.18 -26.58 8.15
CA ARG G 42 12.22 -25.23 8.71
C ARG G 42 11.04 -24.40 8.23
N ILE G 43 10.68 -24.54 6.95
CA ILE G 43 9.52 -23.82 6.44
C ILE G 43 8.25 -24.30 7.14
N THR G 44 8.15 -25.61 7.42
CA THR G 44 7.01 -26.14 8.15
C THR G 44 6.94 -25.53 9.54
N ARG G 45 8.08 -25.47 10.23
CA ARG G 45 8.10 -24.91 11.58
C ARG G 45 7.72 -23.43 11.55
N PHE G 46 8.21 -22.69 10.56
CA PHE G 46 7.86 -21.28 10.44
C PHE G 46 6.37 -21.10 10.20
N LEU G 47 5.79 -21.92 9.33
CA LEU G 47 4.35 -21.82 9.06
C LEU G 47 3.53 -22.15 10.29
N LYS G 48 3.93 -23.17 11.05
CA LYS G 48 3.18 -23.54 12.23
C LYS G 48 3.33 -22.52 13.35
N LYS G 49 4.51 -21.92 13.50
CA LYS G 49 4.72 -20.90 14.52
C LYS G 49 4.08 -19.57 14.16
N GLY G 50 3.89 -19.29 12.87
CA GLY G 50 3.24 -18.06 12.48
C GLY G 50 1.74 -18.06 12.70
N ARG G 51 1.16 -19.21 13.04
CA ARG G 51 -0.27 -19.32 13.34
C ARG G 51 -1.12 -18.82 12.18
N TYR G 52 -0.76 -19.24 10.96
CA TYR G 52 -1.49 -18.80 9.78
C TYR G 52 -2.81 -19.56 9.64
N ALA G 53 -2.83 -20.84 9.99
CA ALA G 53 -4.06 -21.60 10.00
C ALA G 53 -3.99 -22.66 11.09
N GLN G 54 -5.15 -23.18 11.47
CA GLN G 54 -5.22 -24.15 12.54
C GLN G 54 -4.51 -25.45 12.15
N ARG G 55 -4.61 -25.85 10.89
CA ARG G 55 -4.00 -27.07 10.42
C ARG G 55 -3.17 -26.78 9.16
N LEU G 56 -2.06 -27.50 9.03
CA LEU G 56 -1.14 -27.33 7.93
C LEU G 56 -1.06 -28.63 7.13
N GLY G 57 -1.15 -28.52 5.81
CA GLY G 57 -1.08 -29.68 4.96
C GLY G 57 0.33 -30.18 4.78
N GLY G 58 0.43 -31.39 4.21
CA GLY G 58 1.74 -32.00 4.00
C GLY G 58 2.49 -31.45 2.82
N GLY G 59 1.77 -31.00 1.79
CA GLY G 59 2.41 -30.45 0.61
C GLY G 59 2.61 -28.96 0.62
N ALA G 60 2.03 -28.27 1.59
CA ALA G 60 2.23 -26.82 1.68
C ALA G 60 3.68 -26.43 1.91
N PRO G 61 4.41 -27.01 2.88
CA PRO G 61 5.83 -26.65 3.01
C PRO G 61 6.65 -26.99 1.79
N VAL G 62 6.36 -28.11 1.13
CA VAL G 62 7.11 -28.48 -0.06
C VAL G 62 6.87 -27.47 -1.17
N TYR G 63 5.61 -27.09 -1.38
CA TYR G 63 5.29 -26.12 -2.41
C TYR G 63 5.95 -24.77 -2.13
N MET G 64 5.89 -24.32 -0.87
CA MET G 64 6.47 -23.02 -0.55
C MET G 64 7.98 -23.04 -0.67
N ALA G 65 8.62 -24.14 -0.26
CA ALA G 65 10.06 -24.26 -0.44
C ALA G 65 10.43 -24.23 -1.92
N ALA G 66 9.67 -24.92 -2.76
CA ALA G 66 9.94 -24.91 -4.19
C ALA G 66 9.82 -23.50 -4.77
N VAL G 67 8.77 -22.78 -4.40
CA VAL G 67 8.58 -21.42 -4.91
C VAL G 67 9.72 -20.52 -4.46
N LEU G 68 10.09 -20.62 -3.18
CA LEU G 68 11.16 -19.77 -2.65
C LEU G 68 12.49 -20.05 -3.33
N GLU G 69 12.83 -21.34 -3.52
CA GLU G 69 14.09 -21.66 -4.17
C GLU G 69 14.09 -21.23 -5.63
N TYR G 70 12.94 -21.35 -6.31
CA TYR G 70 12.87 -20.87 -7.68
C TYR G 70 13.14 -19.37 -7.74
N LEU G 71 12.49 -18.60 -6.86
CA LEU G 71 12.71 -17.15 -6.86
C LEU G 71 14.15 -16.80 -6.55
N ALA G 72 14.74 -17.47 -5.55
CA ALA G 72 16.13 -17.22 -5.21
C ALA G 72 17.05 -17.55 -6.38
N ALA G 73 16.78 -18.66 -7.08
CA ALA G 73 17.61 -19.04 -8.21
C ALA G 73 17.53 -18.00 -9.32
N GLU G 74 16.33 -17.49 -9.61
CA GLU G 74 16.19 -16.48 -10.64
C GLU G 74 16.97 -15.22 -10.28
N VAL G 75 16.77 -14.72 -9.06
CA VAL G 75 17.45 -13.49 -8.65
C VAL G 75 18.96 -13.69 -8.66
N LEU G 76 19.43 -14.84 -8.16
CA LEU G 76 20.86 -15.11 -8.11
C LEU G 76 21.45 -15.25 -9.50
N GLU G 77 20.71 -15.86 -10.44
CA GLU G 77 21.21 -15.98 -11.80
C GLU G 77 21.40 -14.62 -12.45
N LEU G 78 20.40 -13.74 -12.30
CA LEU G 78 20.56 -12.41 -12.89
C LEU G 78 21.64 -11.60 -12.17
N ALA G 79 21.76 -11.76 -10.85
CA ALA G 79 22.80 -11.05 -10.11
C ALA G 79 24.19 -11.54 -10.52
N GLY G 80 24.35 -12.84 -10.71
CA GLY G 80 25.63 -13.35 -11.19
C GLY G 80 25.94 -12.90 -12.59
N ASN G 81 24.92 -12.79 -13.44
CA ASN G 81 25.13 -12.23 -14.77
C ASN G 81 25.62 -10.79 -14.68
N ALA G 82 25.02 -10.00 -13.79
CA ALA G 82 25.49 -8.62 -13.61
C ALA G 82 26.92 -8.59 -13.09
N ALA G 83 27.25 -9.46 -12.13
CA ALA G 83 28.60 -9.49 -11.58
C ALA G 83 29.61 -9.88 -12.64
N ARG G 84 29.29 -10.85 -13.48
CA ARG G 84 30.18 -11.24 -14.57
C ARG G 84 30.31 -10.13 -15.61
N ASP G 85 29.23 -9.38 -15.86
CA ASP G 85 29.31 -8.26 -16.79
C ASP G 85 30.20 -7.15 -16.25
N ASN G 86 30.18 -6.93 -14.93
CA ASN G 86 31.04 -5.93 -14.31
C ASN G 86 32.44 -6.46 -13.98
N LYS G 87 32.86 -7.53 -14.66
CA LYS G 87 34.18 -8.15 -14.50
C LYS G 87 34.57 -8.35 -13.04
N LYS G 88 33.62 -8.83 -12.24
CA LYS G 88 33.86 -9.20 -10.85
C LYS G 88 33.56 -10.68 -10.65
N SER G 89 33.70 -11.13 -9.40
CA SER G 89 33.47 -12.53 -9.07
C SER G 89 32.66 -12.71 -7.79
N ARG G 90 32.16 -11.63 -7.20
CA ARG G 90 31.26 -11.73 -6.07
C ARG G 90 30.03 -10.87 -6.33
N ILE G 91 28.86 -11.38 -5.95
CA ILE G 91 27.62 -10.62 -6.06
C ILE G 91 27.56 -9.62 -4.93
N ILE G 92 27.25 -8.37 -5.25
CA ILE G 92 27.14 -7.32 -4.26
C ILE G 92 25.75 -6.69 -4.35
N PRO G 93 25.36 -5.85 -3.39
CA PRO G 93 24.04 -5.19 -3.48
C PRO G 93 23.84 -4.41 -4.76
N ARG G 94 24.89 -3.81 -5.33
CA ARG G 94 24.74 -3.12 -6.59
C ARG G 94 24.31 -4.08 -7.70
N HIS G 95 24.92 -5.26 -7.75
CA HIS G 95 24.53 -6.26 -8.74
C HIS G 95 23.10 -6.72 -8.52
N LEU G 96 22.72 -6.93 -7.26
CA LEU G 96 21.34 -7.35 -6.98
C LEU G 96 20.35 -6.29 -7.44
N LEU G 97 20.64 -5.02 -7.16
CA LEU G 97 19.74 -3.95 -7.58
C LEU G 97 19.68 -3.83 -9.10
N LEU G 98 20.82 -3.97 -9.77
CA LEU G 98 20.82 -3.93 -11.22
C LEU G 98 19.96 -5.04 -11.81
N ALA G 99 20.08 -6.25 -11.25
CA ALA G 99 19.24 -7.36 -11.72
C ALA G 99 17.76 -7.07 -11.49
N ILE G 100 17.42 -6.57 -10.28
CA ILE G 100 16.02 -6.33 -9.95
C ILE G 100 15.42 -5.27 -10.86
N ARG G 101 16.16 -4.18 -11.09
CA ARG G 101 15.61 -3.10 -11.91
C ARG G 101 15.77 -3.33 -13.40
N ASN G 102 16.51 -4.36 -13.82
CA ASN G 102 16.57 -4.71 -15.23
C ASN G 102 15.58 -5.79 -15.61
N ASP G 103 15.17 -6.64 -14.68
CA ASP G 103 14.13 -7.63 -14.96
C ASP G 103 12.76 -7.02 -14.72
N GLU G 104 11.89 -7.08 -15.73
CA GLU G 104 10.60 -6.40 -15.65
C GLU G 104 9.73 -7.00 -14.56
N GLU G 105 9.58 -8.33 -14.56
CA GLU G 105 8.72 -8.97 -13.57
C GLU G 105 9.30 -8.86 -12.16
N LEU G 106 10.63 -8.97 -12.03
CA LEU G 106 11.24 -8.82 -10.72
C LEU G 106 11.05 -7.41 -10.17
N GLY G 107 11.22 -6.40 -11.02
CA GLY G 107 10.97 -5.04 -10.60
C GLY G 107 9.51 -4.79 -10.26
N LYS G 108 8.60 -5.43 -10.99
CA LYS G 108 7.18 -5.33 -10.65
C LYS G 108 6.90 -5.96 -9.29
N LEU G 109 7.56 -7.09 -8.99
CA LEU G 109 7.37 -7.72 -7.69
C LEU G 109 7.96 -6.89 -6.58
N LEU G 110 9.08 -6.22 -6.83
CA LEU G 110 9.81 -5.45 -5.83
C LEU G 110 9.85 -3.97 -6.18
N SER G 111 8.71 -3.42 -6.60
CA SER G 111 8.65 -2.01 -6.97
C SER G 111 8.87 -1.11 -5.76
N GLY G 112 8.29 -1.46 -4.62
CA GLY G 112 8.39 -0.62 -3.44
C GLY G 112 9.39 -1.12 -2.43
N VAL G 113 10.54 -1.58 -2.90
CA VAL G 113 11.57 -2.17 -2.06
C VAL G 113 12.88 -1.43 -2.28
N THR G 114 13.56 -1.08 -1.19
CA THR G 114 14.84 -0.38 -1.24
C THR G 114 15.95 -1.35 -0.91
N ILE G 115 16.96 -1.41 -1.78
CA ILE G 115 18.13 -2.26 -1.60
C ILE G 115 19.25 -1.41 -1.03
N ALA G 116 19.69 -1.73 0.18
CA ALA G 116 20.74 -0.97 0.83
C ALA G 116 22.06 -1.11 0.09
N HIS G 117 22.81 -0.02 0.00
CA HIS G 117 24.09 0.04 -0.71
C HIS G 117 23.92 -0.40 -2.16
N GLY G 118 22.84 0.05 -2.79
CA GLY G 118 22.53 -0.37 -4.15
C GLY G 118 22.52 0.76 -5.15
N GLY G 119 22.28 1.99 -4.68
CA GLY G 119 22.25 3.11 -5.59
C GLY G 119 21.02 3.11 -6.47
N VAL G 120 21.15 3.67 -7.66
CA VAL G 120 20.06 3.76 -8.62
C VAL G 120 20.52 3.22 -9.95
N LEU G 121 19.56 2.78 -10.74
CA LEU G 121 19.84 2.33 -12.10
C LEU G 121 20.26 3.52 -12.96
N PRO G 122 21.38 3.46 -13.66
CA PRO G 122 21.82 4.60 -14.46
C PRO G 122 20.78 4.96 -15.53
N ASN G 123 20.29 6.20 -15.45
CA ASN G 123 19.27 6.67 -16.39
C ASN G 123 19.33 8.18 -16.45
N ILE G 124 19.61 8.72 -17.63
CA ILE G 124 19.57 10.16 -17.89
C ILE G 124 18.53 10.42 -18.97
N ASN G 125 17.62 11.35 -18.70
CA ASN G 125 16.57 11.66 -19.65
C ASN G 125 17.15 12.25 -20.93
N SER G 126 16.52 11.92 -22.06
CA SER G 126 17.07 12.31 -23.36
C SER G 126 17.10 13.81 -23.55
N VAL G 127 16.10 14.52 -23.01
CA VAL G 127 16.04 15.97 -23.18
C VAL G 127 17.25 16.63 -22.52
N LEU G 128 17.70 16.10 -21.37
CA LEU G 128 18.83 16.67 -20.67
C LEU G 128 20.15 16.47 -21.40
N LEU G 129 20.22 15.55 -22.36
CA LEU G 129 21.49 15.35 -23.05
C LEU G 129 21.61 16.31 -24.23
N PRO G 130 22.82 16.81 -24.50
CA PRO G 130 23.06 17.76 -25.61
C PRO G 130 22.83 17.13 -26.98
N SER H 62 21.36 -18.05 19.14
CA SER H 62 21.71 -18.12 17.72
C SER H 62 20.60 -17.56 16.85
N VAL H 63 20.96 -17.06 15.68
CA VAL H 63 20.02 -16.48 14.73
C VAL H 63 20.00 -17.35 13.48
N GLU H 64 18.80 -17.58 12.94
CA GLU H 64 18.60 -18.49 11.83
C GLU H 64 18.41 -17.72 10.54
N THR H 65 19.20 -18.05 9.52
CA THR H 65 19.16 -17.40 8.23
C THR H 65 19.14 -18.48 7.13
N TYR H 66 19.08 -18.02 5.88
CA TYR H 66 19.07 -18.90 4.72
C TYR H 66 20.40 -18.89 3.98
N LYS H 67 21.49 -18.57 4.67
CA LYS H 67 22.78 -18.39 4.01
C LYS H 67 23.24 -19.68 3.34
N ILE H 68 23.13 -20.80 4.03
CA ILE H 68 23.57 -22.09 3.48
C ILE H 68 22.79 -22.41 2.22
N TYR H 69 21.48 -22.18 2.27
CA TYR H 69 20.61 -22.62 1.19
C TYR H 69 20.80 -21.74 -0.04
N ILE H 70 20.98 -20.43 0.20
CA ILE H 70 21.25 -19.50 -0.89
C ILE H 70 22.60 -19.79 -1.52
N PHE H 71 23.60 -20.16 -0.72
CA PHE H 71 24.90 -20.52 -1.27
C PHE H 71 24.80 -21.77 -2.13
N LYS H 72 24.03 -22.76 -1.69
CA LYS H 72 23.84 -23.96 -2.52
C LYS H 72 23.19 -23.61 -3.85
N VAL H 73 22.15 -22.78 -3.81
CA VAL H 73 21.48 -22.40 -5.06
C VAL H 73 22.43 -21.63 -5.97
N LEU H 74 23.24 -20.73 -5.39
CA LEU H 74 24.17 -19.94 -6.18
C LEU H 74 25.23 -20.81 -6.82
N LYS H 75 25.74 -21.80 -6.09
CA LYS H 75 26.71 -22.71 -6.68
C LYS H 75 26.08 -23.61 -7.73
N GLN H 76 24.78 -23.87 -7.65
CA GLN H 76 24.10 -24.58 -8.73
C GLN H 76 24.02 -23.72 -9.99
N VAL H 77 23.59 -22.48 -9.86
CA VAL H 77 23.35 -21.66 -11.06
C VAL H 77 24.66 -21.15 -11.64
N HIS H 78 25.50 -20.51 -10.82
CA HIS H 78 26.79 -19.96 -11.25
C HIS H 78 27.88 -20.59 -10.38
N PRO H 79 28.55 -21.64 -10.85
CA PRO H 79 29.52 -22.34 -9.99
C PRO H 79 30.74 -21.50 -9.64
N ASP H 80 31.04 -20.43 -10.38
CA ASP H 80 32.29 -19.71 -10.23
C ASP H 80 32.11 -18.30 -9.68
N ILE H 81 30.97 -18.01 -9.07
CA ILE H 81 30.67 -16.67 -8.56
C ILE H 81 30.31 -16.78 -7.08
N GLY H 82 30.91 -15.91 -6.28
CA GLY H 82 30.64 -15.85 -4.86
C GLY H 82 29.63 -14.78 -4.50
N ILE H 83 29.60 -14.43 -3.22
CA ILE H 83 28.59 -13.54 -2.68
C ILE H 83 29.12 -12.94 -1.38
N SER H 84 28.77 -11.69 -1.13
CA SER H 84 29.21 -10.96 0.05
C SER H 84 28.15 -11.01 1.15
N SER H 85 28.56 -10.55 2.34
CA SER H 85 27.68 -10.62 3.51
C SER H 85 26.46 -9.72 3.34
N LYS H 86 26.65 -8.52 2.79
CA LYS H 86 25.52 -7.63 2.57
C LYS H 86 24.54 -8.21 1.56
N ALA H 87 25.07 -8.82 0.49
CA ALA H 87 24.20 -9.48 -0.49
C ALA H 87 23.43 -10.63 0.14
N MET H 88 24.09 -11.41 1.01
CA MET H 88 23.37 -12.46 1.73
C MET H 88 22.28 -11.89 2.61
N GLY H 89 22.57 -10.79 3.30
CA GLY H 89 21.54 -10.17 4.12
C GLY H 89 20.34 -9.73 3.30
N ILE H 90 20.60 -9.14 2.13
CA ILE H 90 19.51 -8.71 1.26
C ILE H 90 18.71 -9.91 0.78
N MET H 91 19.39 -10.98 0.39
CA MET H 91 18.68 -12.18 -0.08
C MET H 91 17.86 -12.82 1.03
N ASN H 92 18.41 -12.87 2.24
CA ASN H 92 17.65 -13.43 3.36
C ASN H 92 16.42 -12.61 3.66
N SER H 93 16.55 -11.28 3.62
CA SER H 93 15.39 -10.41 3.81
C SER H 93 14.36 -10.63 2.72
N PHE H 94 14.81 -10.78 1.47
CA PHE H 94 13.89 -11.02 0.36
C PHE H 94 13.14 -12.34 0.53
N ILE H 95 13.85 -13.39 0.94
CA ILE H 95 13.20 -14.68 1.13
C ILE H 95 12.16 -14.59 2.25
N ASN H 96 12.52 -13.95 3.36
CA ASN H 96 11.56 -13.80 4.45
C ASN H 96 10.36 -12.98 4.03
N ASP H 97 10.58 -11.92 3.25
CA ASP H 97 9.49 -11.07 2.81
C ASP H 97 8.53 -11.84 1.91
N ILE H 98 9.06 -12.62 0.97
CA ILE H 98 8.20 -13.42 0.09
C ILE H 98 7.46 -14.49 0.90
N PHE H 99 8.14 -15.08 1.87
CA PHE H 99 7.50 -16.08 2.71
C PHE H 99 6.31 -15.50 3.46
N GLU H 100 6.48 -14.31 4.04
CA GLU H 100 5.36 -13.66 4.72
C GLU H 100 4.26 -13.28 3.74
N LYS H 101 4.62 -12.72 2.59
CA LYS H 101 3.62 -12.31 1.60
C LYS H 101 2.83 -13.48 1.07
N LEU H 102 3.40 -14.69 1.08
CA LEU H 102 2.66 -15.88 0.68
C LEU H 102 1.84 -16.48 1.81
N ALA H 103 2.42 -16.57 3.00
CA ALA H 103 1.72 -17.21 4.12
C ALA H 103 0.51 -16.40 4.57
N SER H 104 0.64 -15.07 4.63
CA SER H 104 -0.50 -14.24 5.00
C SER H 104 -1.63 -14.36 4.01
N GLU H 105 -1.31 -14.40 2.71
CA GLU H 105 -2.32 -14.55 1.69
C GLU H 105 -3.01 -15.91 1.77
N SER H 106 -2.24 -16.97 2.02
CA SER H 106 -2.84 -18.29 2.19
C SER H 106 -3.78 -18.29 3.40
N SER H 107 -3.36 -17.66 4.50
CA SER H 107 -4.20 -17.59 5.68
C SER H 107 -5.50 -16.85 5.40
N LYS H 108 -5.41 -15.72 4.69
CA LYS H 108 -6.63 -14.95 4.42
C LYS H 108 -7.54 -15.68 3.45
N LEU H 109 -6.99 -16.45 2.51
CA LEU H 109 -7.84 -17.23 1.62
C LEU H 109 -8.53 -18.36 2.37
N ALA H 110 -7.81 -18.99 3.31
CA ALA H 110 -8.45 -20.01 4.15
C ALA H 110 -9.57 -19.40 4.98
N ARG H 111 -9.36 -18.19 5.50
CA ARG H 111 -10.43 -17.49 6.21
C ARG H 111 -11.61 -17.21 5.31
N TYR H 112 -11.35 -16.75 4.08
CA TYR H 112 -12.43 -16.39 3.16
C TYR H 112 -13.27 -17.61 2.82
N ASN H 113 -12.62 -18.75 2.57
CA ASN H 113 -13.34 -19.97 2.21
C ASN H 113 -13.75 -20.80 3.42
N LYS H 114 -13.55 -20.29 4.63
CA LYS H 114 -13.95 -20.97 5.86
C LYS H 114 -13.31 -22.36 5.96
N LYS H 115 -12.03 -22.43 5.60
CA LYS H 115 -11.28 -23.68 5.55
C LYS H 115 -10.18 -23.66 6.60
N PRO H 116 -10.21 -24.56 7.58
CA PRO H 116 -9.18 -24.53 8.63
C PRO H 116 -7.76 -24.82 8.15
N THR H 117 -7.60 -25.46 6.99
CA THR H 117 -6.30 -25.97 6.57
C THR H 117 -5.67 -25.12 5.47
N ILE H 118 -4.34 -25.13 5.43
CA ILE H 118 -3.56 -24.61 4.31
C ILE H 118 -3.00 -25.79 3.54
N THR H 119 -3.23 -25.80 2.23
CA THR H 119 -2.89 -26.92 1.38
C THR H 119 -2.09 -26.38 0.19
N SER H 120 -1.51 -27.32 -0.57
CA SER H 120 -0.80 -26.94 -1.80
C SER H 120 -1.68 -26.13 -2.73
N ARG H 121 -2.98 -26.38 -2.74
CA ARG H 121 -3.90 -25.57 -3.55
C ARG H 121 -3.95 -24.13 -3.06
N GLU H 122 -4.02 -23.94 -1.74
CA GLU H 122 -4.00 -22.60 -1.19
C GLU H 122 -2.70 -21.88 -1.51
N ILE H 123 -1.57 -22.58 -1.41
CA ILE H 123 -0.32 -21.92 -1.73
C ILE H 123 -0.21 -21.64 -3.23
N GLN H 124 -0.75 -22.52 -4.07
CA GLN H 124 -0.75 -22.28 -5.51
C GLN H 124 -1.52 -21.02 -5.86
N THR H 125 -2.72 -20.87 -5.28
CA THR H 125 -3.51 -19.67 -5.57
C THR H 125 -2.91 -18.42 -4.93
N ALA H 126 -2.26 -18.56 -3.77
CA ALA H 126 -1.55 -17.42 -3.19
C ALA H 126 -0.40 -16.98 -4.08
N VAL H 127 0.33 -17.94 -4.65
CA VAL H 127 1.42 -17.62 -5.58
C VAL H 127 0.86 -16.91 -6.81
N ARG H 128 -0.24 -17.42 -7.36
CA ARG H 128 -0.87 -16.78 -8.49
C ARG H 128 -1.31 -15.35 -8.16
N LEU H 129 -1.71 -15.12 -6.91
CA LEU H 129 -2.13 -13.77 -6.52
C LEU H 129 -0.95 -12.84 -6.31
N VAL H 130 0.16 -13.33 -5.77
CA VAL H 130 1.24 -12.44 -5.36
C VAL H 130 2.34 -12.26 -6.42
N LEU H 131 2.46 -13.17 -7.39
CA LEU H 131 3.54 -12.97 -8.33
C LEU H 131 3.00 -12.56 -9.70
N PRO H 132 3.78 -11.81 -10.49
CA PRO H 132 3.36 -11.51 -11.86
C PRO H 132 3.26 -12.75 -12.73
N GLY H 133 2.90 -12.58 -14.01
CA GLY H 133 2.52 -13.69 -14.86
C GLY H 133 3.52 -14.80 -15.06
N GLU H 134 4.66 -14.48 -15.67
CA GLU H 134 5.65 -15.52 -15.97
C GLU H 134 6.21 -16.13 -14.69
N LEU H 135 6.46 -15.30 -13.69
CA LEU H 135 6.95 -15.82 -12.42
C LEU H 135 5.95 -16.78 -11.80
N ALA H 136 4.66 -16.45 -11.85
CA ALA H 136 3.64 -17.33 -11.30
C ALA H 136 3.57 -18.64 -12.08
N LYS H 137 3.68 -18.57 -13.41
CA LYS H 137 3.65 -19.79 -14.21
C LYS H 137 4.78 -20.73 -13.84
N HIS H 138 6.02 -20.22 -13.85
CA HIS H 138 7.13 -21.09 -13.50
C HIS H 138 7.11 -21.54 -12.05
N ALA H 139 6.64 -20.68 -11.13
CA ALA H 139 6.56 -21.08 -9.73
C ALA H 139 5.54 -22.19 -9.53
N VAL H 140 4.40 -22.09 -10.21
CA VAL H 140 3.39 -23.15 -10.12
C VAL H 140 3.92 -24.44 -10.70
N SER H 141 4.64 -24.36 -11.83
CA SER H 141 5.23 -25.56 -12.41
C SER H 141 6.21 -26.21 -11.44
N GLU H 142 7.10 -25.41 -10.85
CA GLU H 142 8.09 -25.94 -9.92
C GLU H 142 7.44 -26.54 -8.69
N GLY H 143 6.43 -25.86 -8.13
CA GLY H 143 5.77 -26.39 -6.94
C GLY H 143 5.01 -27.67 -7.23
N THR H 144 4.32 -27.74 -8.37
CA THR H 144 3.62 -28.96 -8.74
C THR H 144 4.60 -30.11 -8.94
N LYS H 145 5.74 -29.84 -9.59
CA LYS H 145 6.75 -30.88 -9.76
C LYS H 145 7.27 -31.37 -8.41
N ALA H 146 7.56 -30.44 -7.50
CA ALA H 146 8.08 -30.83 -6.20
C ALA H 146 7.07 -31.64 -5.40
N VAL H 147 5.80 -31.24 -5.44
CA VAL H 147 4.77 -31.95 -4.69
C VAL H 147 4.54 -33.33 -5.28
N THR H 148 4.55 -33.44 -6.61
CA THR H 148 4.43 -34.75 -7.25
C THR H 148 5.58 -35.67 -6.85
N LYS H 149 6.80 -35.13 -6.85
CA LYS H 149 7.95 -35.94 -6.47
C LYS H 149 7.87 -36.36 -5.01
N PHE H 150 7.43 -35.46 -4.14
CA PHE H 150 7.29 -35.79 -2.71
C PHE H 150 6.25 -36.88 -2.50
N THR H 151 5.11 -36.79 -3.19
CA THR H 151 4.08 -37.81 -3.07
C THR H 151 4.56 -39.15 -3.61
N SER H 152 5.27 -39.14 -4.74
CA SER H 152 5.79 -40.38 -5.30
C SER H 152 6.80 -41.02 -4.35
N SER H 153 7.68 -40.22 -3.77
CA SER H 153 8.70 -40.74 -2.85
C SER H 153 8.19 -40.72 -1.41
#